data_8GXR
#
_entry.id   8GXR
#
_cell.length_a   64.390
_cell.length_b   96.960
_cell.length_c   207.130
_cell.angle_alpha   90.000
_cell.angle_beta   90.000
_cell.angle_gamma   90.000
#
_symmetry.space_group_name_H-M   'P 21 21 21'
#
loop_
_entity.id
_entity.type
_entity.pdbx_description
1 polymer '(E3-independent) E2 ubiquitin-conjugating enzyme UBE2O'
2 non-polymer 'CITRIC ACID'
3 water water
#
_entity_poly.entity_id   1
_entity_poly.type   'polypeptide(L)'
_entity_poly.pdbx_seq_one_letter_code
;DPPWKRFEVLPSAPVDHAFYNTPPAQHTRQFMARMSKEYKALQSSLPDSILVRAYEDRTDLLRSLIIGPENTPYEDAPFV
IDWMLDANFPQTPPIAHFLSWTNGNGRVNPNLYEEGKVCLSILGTWAGDKSESWSASRSSLLQALVSIQGLVLVKEPWFC
EPAYEKLRGTEDGIVNSRLYNEKAYVLSRGFVRRALEIPLGGLEEELRWFYHTSGKLRKVLGDARALIVKSTATQGDAEV
PEADRERAVPRLSSGGIIALERTLGKLQALQDAQTATEANA
;
_entity_poly.pdbx_strand_id   A,B,C,D
#
loop_
_chem_comp.id
_chem_comp.type
_chem_comp.name
_chem_comp.formula
CIT non-polymer 'CITRIC ACID' 'C6 H8 O7'
#
# COMPACT_ATOMS: atom_id res chain seq x y z
N ASP A 1 21.78 -16.64 -17.22
CA ASP A 1 20.95 -15.57 -17.78
C ASP A 1 20.13 -14.79 -16.73
N PRO A 2 19.34 -15.46 -15.87
CA PRO A 2 18.59 -14.70 -14.86
C PRO A 2 19.55 -13.99 -13.93
N PRO A 3 19.23 -12.76 -13.51
CA PRO A 3 20.17 -11.99 -12.70
C PRO A 3 20.20 -12.41 -11.24
N TRP A 4 19.17 -13.12 -10.75
CA TRP A 4 19.09 -13.48 -9.33
C TRP A 4 18.53 -14.90 -9.25
N LYS A 5 19.37 -15.90 -9.53
CA LYS A 5 18.96 -17.30 -9.48
C LYS A 5 19.29 -17.88 -8.11
N ARG A 6 18.31 -18.53 -7.49
CA ARG A 6 18.49 -18.96 -6.10
C ARG A 6 19.58 -20.03 -5.99
N PHE A 7 19.56 -21.02 -6.87
CA PHE A 7 20.56 -22.08 -6.81
C PHE A 7 21.19 -22.27 -8.17
N GLU A 8 22.53 -22.28 -8.22
CA GLU A 8 23.27 -22.55 -9.46
C GLU A 8 24.51 -23.39 -9.14
N VAL A 9 24.87 -24.30 -10.04
CA VAL A 9 26.18 -24.96 -10.02
C VAL A 9 27.09 -24.19 -10.96
N LEU A 10 28.18 -23.65 -10.43
CA LEU A 10 29.16 -22.92 -11.22
C LEU A 10 30.33 -23.84 -11.56
N PRO A 11 31.11 -23.50 -12.58
CA PRO A 11 32.26 -24.35 -12.96
C PRO A 11 33.30 -24.55 -11.86
N SER A 12 33.70 -23.49 -11.18
CA SER A 12 34.89 -23.54 -10.33
C SER A 12 34.66 -22.87 -8.99
N ALA A 13 35.08 -23.52 -7.91
CA ALA A 13 35.08 -22.85 -6.63
C ALA A 13 35.97 -21.59 -6.71
N PRO A 14 35.61 -20.52 -6.03
CA PRO A 14 36.38 -19.29 -6.14
C PRO A 14 37.62 -19.35 -5.25
N VAL A 15 38.64 -18.60 -5.67
CA VAL A 15 39.91 -18.64 -4.94
C VAL A 15 39.76 -18.01 -3.56
N ASP A 16 38.80 -17.10 -3.39
CA ASP A 16 38.49 -16.48 -2.10
C ASP A 16 37.63 -17.35 -1.18
N HIS A 17 37.34 -18.60 -1.55
CA HIS A 17 36.55 -19.47 -0.67
C HIS A 17 37.35 -19.82 0.58
N ALA A 18 36.66 -19.84 1.73
CA ALA A 18 37.34 -20.10 3.00
C ALA A 18 38.06 -21.43 2.99
N PHE A 19 37.53 -22.40 2.27
CA PHE A 19 38.07 -23.75 2.28
C PHE A 19 38.79 -24.09 0.98
N TYR A 20 39.10 -23.08 0.18
CA TYR A 20 39.70 -23.31 -1.13
C TYR A 20 41.00 -24.09 -1.02
N ASN A 21 41.78 -23.84 0.04
CA ASN A 21 43.06 -24.53 0.21
C ASN A 21 42.99 -25.85 0.97
N THR A 22 41.81 -26.27 1.42
CA THR A 22 41.66 -27.61 1.96
C THR A 22 41.35 -28.56 0.82
N PRO A 23 42.21 -29.55 0.55
CA PRO A 23 41.98 -30.42 -0.60
C PRO A 23 40.74 -31.27 -0.39
N PRO A 24 40.02 -31.60 -1.46
CA PRO A 24 38.76 -32.35 -1.30
C PRO A 24 39.00 -33.78 -0.89
N ALA A 25 38.18 -34.26 0.05
CA ALA A 25 38.24 -35.66 0.47
C ALA A 25 37.49 -36.55 -0.53
N GLN A 26 37.67 -37.86 -0.36
CA GLN A 26 37.13 -38.83 -1.30
C GLN A 26 35.59 -38.89 -1.26
N HIS A 27 35.01 -38.94 -0.05
CA HIS A 27 33.56 -39.14 0.19
C HIS A 27 33.08 -40.54 -0.18
N THR A 28 31.96 -40.97 0.42
CA THR A 28 31.46 -42.32 0.24
C THR A 28 30.77 -42.47 -1.13
N ARG A 29 30.35 -43.70 -1.43
CA ARG A 29 29.66 -43.97 -2.69
C ARG A 29 28.30 -43.29 -2.73
N GLN A 30 27.65 -43.15 -1.58
CA GLN A 30 26.32 -42.55 -1.46
C GLN A 30 26.36 -41.03 -1.48
N PHE A 31 27.55 -40.43 -1.40
CA PHE A 31 27.61 -38.97 -1.26
C PHE A 31 26.97 -38.26 -2.44
N MET A 32 27.28 -38.72 -3.66
CA MET A 32 26.78 -37.99 -4.83
C MET A 32 25.26 -38.11 -4.94
N ALA A 33 24.71 -39.28 -4.60
CA ALA A 33 23.25 -39.41 -4.61
C ALA A 33 22.62 -38.51 -3.55
N ARG A 34 23.27 -38.34 -2.40
CA ARG A 34 22.76 -37.43 -1.39
C ARG A 34 22.79 -35.99 -1.87
N MET A 35 23.87 -35.57 -2.55
CA MET A 35 23.93 -34.20 -3.07
C MET A 35 22.87 -33.96 -4.15
N SER A 36 22.50 -34.99 -4.91
CA SER A 36 21.38 -34.81 -5.84
C SER A 36 20.10 -34.44 -5.11
N LYS A 37 19.78 -35.12 -4.00
CA LYS A 37 18.62 -34.75 -3.20
C LYS A 37 18.78 -33.36 -2.58
N GLU A 38 19.99 -33.04 -2.09
CA GLU A 38 20.22 -31.72 -1.51
C GLU A 38 19.98 -30.63 -2.53
N TYR A 39 20.51 -30.80 -3.75
CA TYR A 39 20.33 -29.77 -4.77
C TYR A 39 18.86 -29.61 -5.12
N LYS A 40 18.14 -30.74 -5.24
CA LYS A 40 16.73 -30.66 -5.60
C LYS A 40 15.95 -29.84 -4.58
N ALA A 41 16.31 -29.96 -3.30
CA ALA A 41 15.62 -29.23 -2.23
C ALA A 41 15.98 -27.75 -2.25
N LEU A 42 17.24 -27.42 -2.52
CA LEU A 42 17.62 -26.02 -2.66
C LEU A 42 16.87 -25.38 -3.81
N GLN A 43 16.84 -26.06 -4.97
CA GLN A 43 16.20 -25.49 -6.14
C GLN A 43 14.69 -25.32 -5.92
N SER A 44 14.09 -26.25 -5.18
CA SER A 44 12.65 -26.20 -5.00
C SER A 44 12.24 -25.21 -3.92
N SER A 45 13.06 -25.04 -2.87
CA SER A 45 12.55 -24.44 -1.66
C SER A 45 13.35 -23.26 -1.08
N LEU A 46 14.54 -22.94 -1.59
CA LEU A 46 15.21 -21.72 -1.14
C LEU A 46 14.28 -20.52 -1.33
N PRO A 47 14.16 -19.64 -0.36
CA PRO A 47 13.44 -18.37 -0.58
C PRO A 47 14.27 -17.42 -1.44
N ASP A 48 13.62 -16.35 -1.91
CA ASP A 48 14.35 -15.41 -2.77
C ASP A 48 15.51 -14.75 -2.03
N SER A 49 15.50 -14.80 -0.71
CA SER A 49 16.48 -14.10 0.11
C SER A 49 17.72 -14.94 0.38
N ILE A 50 17.79 -16.17 -0.16
CA ILE A 50 18.96 -17.02 0.06
C ILE A 50 19.46 -17.53 -1.29
N LEU A 51 20.68 -17.16 -1.64
CA LEU A 51 21.38 -17.68 -2.81
C LEU A 51 22.34 -18.75 -2.37
N VAL A 52 22.49 -19.80 -3.16
CA VAL A 52 23.50 -20.83 -2.90
C VAL A 52 24.22 -21.12 -4.22
N ARG A 53 25.54 -21.23 -4.15
CA ARG A 53 26.35 -21.67 -5.29
C ARG A 53 27.10 -22.95 -4.93
N ALA A 54 26.97 -23.94 -5.79
CA ALA A 54 27.74 -25.18 -5.76
C ALA A 54 28.69 -25.16 -6.94
N TYR A 55 29.65 -26.10 -6.97
CA TYR A 55 30.74 -26.07 -7.95
C TYR A 55 30.95 -27.43 -8.59
N GLU A 56 31.24 -27.40 -9.91
CA GLU A 56 31.50 -28.64 -10.64
C GLU A 56 32.83 -29.26 -10.22
N ASP A 57 33.82 -28.42 -9.90
CA ASP A 57 35.14 -28.99 -9.59
C ASP A 57 35.32 -29.32 -8.12
N ARG A 58 34.51 -28.77 -7.22
CA ARG A 58 34.62 -29.04 -5.78
C ARG A 58 33.23 -29.44 -5.31
N THR A 59 32.90 -30.74 -5.39
CA THR A 59 31.53 -31.05 -4.97
C THR A 59 31.35 -30.99 -3.46
N ASP A 60 32.40 -30.65 -2.69
CA ASP A 60 32.32 -30.56 -1.24
C ASP A 60 32.21 -29.12 -0.73
N LEU A 61 32.35 -28.12 -1.60
CA LEU A 61 32.32 -26.71 -1.22
C LEU A 61 31.04 -26.04 -1.71
N LEU A 62 30.46 -25.15 -0.90
CA LEU A 62 29.33 -24.31 -1.30
C LEU A 62 29.52 -22.91 -0.75
N ARG A 63 28.91 -21.93 -1.42
CA ARG A 63 28.85 -20.58 -0.85
C ARG A 63 27.40 -20.14 -0.80
N SER A 64 26.99 -19.53 0.31
CA SER A 64 25.62 -19.03 0.41
C SER A 64 25.61 -17.55 0.74
N LEU A 65 24.55 -16.88 0.31
CA LEU A 65 24.31 -15.47 0.60
C LEU A 65 22.89 -15.34 1.13
N ILE A 66 22.75 -14.76 2.33
CA ILE A 66 21.45 -14.50 2.93
C ILE A 66 21.25 -12.99 3.05
N ILE A 67 20.14 -12.49 2.54
CA ILE A 67 19.77 -11.09 2.73
C ILE A 67 19.05 -10.94 4.06
N GLY A 68 19.42 -9.93 4.83
CA GLY A 68 18.76 -9.66 6.09
C GLY A 68 17.31 -9.28 5.90
N PRO A 69 16.42 -9.87 6.70
CA PRO A 69 14.98 -9.63 6.51
C PRO A 69 14.53 -8.24 6.98
N GLU A 70 13.32 -7.88 6.53
CA GLU A 70 12.76 -6.58 6.84
C GLU A 70 12.50 -6.44 8.34
N ASN A 71 12.63 -5.21 8.83
CA ASN A 71 12.47 -4.87 10.25
C ASN A 71 13.28 -5.78 11.17
N THR A 72 14.55 -5.94 10.81
CA THR A 72 15.58 -6.48 11.68
C THR A 72 16.76 -5.53 11.59
N PRO A 73 17.69 -5.58 12.54
CA PRO A 73 18.94 -4.79 12.36
C PRO A 73 19.71 -5.17 11.11
N TYR A 74 19.40 -6.33 10.51
CA TYR A 74 20.12 -6.90 9.38
C TYR A 74 19.55 -6.50 8.03
N GLU A 75 18.44 -5.75 8.02
CA GLU A 75 17.63 -5.51 6.83
C GLU A 75 18.46 -5.10 5.63
N ASP A 76 18.26 -5.82 4.51
CA ASP A 76 18.84 -5.53 3.20
C ASP A 76 20.35 -5.76 3.14
N ALA A 77 20.98 -6.26 4.19
CA ALA A 77 22.42 -6.44 4.20
C ALA A 77 22.78 -7.87 3.81
N PRO A 78 23.98 -8.10 3.24
CA PRO A 78 24.33 -9.46 2.77
C PRO A 78 25.17 -10.23 3.78
N PHE A 79 24.80 -11.48 4.03
CA PHE A 79 25.52 -12.33 4.97
C PHE A 79 25.99 -13.58 4.24
N VAL A 80 27.31 -13.74 4.14
CA VAL A 80 27.92 -14.80 3.33
C VAL A 80 28.50 -15.87 4.23
N ILE A 81 28.24 -17.14 3.90
CA ILE A 81 28.83 -18.27 4.60
C ILE A 81 29.45 -19.18 3.56
N ASP A 82 30.70 -19.59 3.82
CA ASP A 82 31.38 -20.58 3.01
C ASP A 82 31.28 -21.92 3.72
N TRP A 83 30.96 -22.96 2.95
CA TRP A 83 30.59 -24.26 3.49
C TRP A 83 31.53 -25.33 2.97
N MET A 84 31.78 -26.33 3.82
CA MET A 84 32.47 -27.55 3.44
C MET A 84 31.66 -28.74 3.94
N LEU A 85 31.57 -29.75 3.10
CA LEU A 85 30.95 -31.02 3.47
C LEU A 85 32.09 -32.02 3.58
N ASP A 86 32.39 -32.48 4.78
CA ASP A 86 33.58 -33.30 4.94
C ASP A 86 33.31 -34.73 4.46
N ALA A 87 34.36 -35.57 4.55
CA ALA A 87 34.29 -36.93 4.04
C ALA A 87 33.11 -37.72 4.59
N ASN A 88 32.62 -37.37 5.78
CA ASN A 88 31.55 -38.12 6.41
C ASN A 88 30.16 -37.52 6.20
N PHE A 89 30.04 -36.46 5.43
CA PHE A 89 28.73 -35.91 5.13
C PHE A 89 27.90 -36.95 4.37
N PRO A 90 26.61 -37.13 4.69
CA PRO A 90 25.76 -36.35 5.61
C PRO A 90 25.64 -36.92 7.01
N GLN A 91 26.42 -37.96 7.35
CA GLN A 91 26.42 -38.43 8.73
C GLN A 91 26.71 -37.28 9.69
N THR A 92 27.78 -36.47 9.40
CA THR A 92 28.25 -35.24 10.05
C THR A 92 27.55 -34.01 9.47
N PRO A 93 27.39 -32.95 10.26
CA PRO A 93 26.72 -31.75 9.74
C PRO A 93 27.62 -31.01 8.77
N PRO A 94 27.05 -30.16 7.92
CA PRO A 94 27.90 -29.28 7.10
C PRO A 94 28.70 -28.31 7.96
N ILE A 95 29.88 -27.95 7.47
CA ILE A 95 30.79 -27.04 8.18
C ILE A 95 30.63 -25.63 7.63
N ALA A 96 30.33 -24.69 8.52
CA ALA A 96 30.05 -23.31 8.14
C ALA A 96 31.21 -22.41 8.52
N HIS A 97 31.61 -21.54 7.60
CA HIS A 97 32.54 -20.47 7.92
C HIS A 97 31.88 -19.17 7.53
N PHE A 98 31.39 -18.43 8.52
CA PHE A 98 30.70 -17.17 8.27
C PHE A 98 31.75 -16.08 8.05
N LEU A 99 31.51 -15.24 7.04
CA LEU A 99 32.38 -14.10 6.72
C LEU A 99 31.95 -12.91 7.56
N SER A 100 32.60 -12.74 8.71
CA SER A 100 32.28 -11.70 9.69
C SER A 100 33.04 -10.43 9.34
N TRP A 101 32.38 -9.52 8.64
CA TRP A 101 32.99 -8.26 8.20
C TRP A 101 32.76 -7.16 9.24
N THR A 102 33.16 -7.46 10.46
CA THR A 102 32.88 -6.66 11.65
C THR A 102 34.06 -5.83 12.14
N ASN A 103 35.26 -6.05 11.60
CA ASN A 103 36.40 -5.15 11.82
C ASN A 103 36.81 -5.06 13.29
N GLY A 104 36.64 -6.14 14.05
CA GLY A 104 37.05 -6.14 15.45
C GLY A 104 36.06 -5.52 16.42
N ASN A 105 34.89 -5.11 15.95
CA ASN A 105 33.92 -4.47 16.82
C ASN A 105 33.17 -5.44 17.70
N GLY A 106 33.30 -6.74 17.43
CA GLY A 106 32.52 -7.76 18.08
C GLY A 106 31.61 -8.46 17.08
N ARG A 107 30.68 -9.25 17.59
CA ARG A 107 29.82 -10.05 16.74
C ARG A 107 28.67 -9.21 16.22
N VAL A 108 28.15 -9.58 15.04
CA VAL A 108 26.94 -8.95 14.53
C VAL A 108 25.70 -9.64 15.04
N ASN A 109 25.84 -10.84 15.62
CA ASN A 109 24.79 -11.63 16.22
C ASN A 109 25.44 -12.54 17.24
N PRO A 110 24.80 -12.84 18.37
CA PRO A 110 25.45 -13.68 19.39
C PRO A 110 25.89 -15.04 18.90
N ASN A 111 25.28 -15.56 17.84
CA ASN A 111 25.55 -16.90 17.34
C ASN A 111 26.47 -16.90 16.12
N LEU A 112 26.90 -15.74 15.65
CA LEU A 112 27.77 -15.60 14.49
C LEU A 112 29.09 -15.04 14.99
N TYR A 113 30.08 -15.90 15.17
CA TYR A 113 31.32 -15.48 15.81
C TYR A 113 32.23 -14.75 14.82
N GLU A 114 33.04 -13.82 15.35
CA GLU A 114 33.94 -13.07 14.48
C GLU A 114 35.00 -13.95 13.80
N GLU A 115 35.35 -15.11 14.37
CA GLU A 115 36.29 -15.99 13.67
C GLU A 115 35.61 -16.90 12.64
N GLY A 116 34.29 -16.85 12.50
CA GLY A 116 33.59 -17.56 11.45
C GLY A 116 32.66 -18.65 11.93
N LYS A 117 32.68 -18.96 13.21
CA LYS A 117 31.86 -20.03 13.75
C LYS A 117 30.38 -19.62 13.84
N VAL A 118 29.50 -20.54 13.46
CA VAL A 118 28.06 -20.37 13.55
C VAL A 118 27.56 -21.35 14.60
N CYS A 119 26.99 -20.84 15.69
CA CYS A 119 26.52 -21.70 16.78
C CYS A 119 25.04 -21.94 16.61
N LEU A 120 24.72 -23.13 16.09
CA LEU A 120 23.36 -23.63 15.94
C LEU A 120 23.41 -25.13 16.15
N SER A 121 22.42 -25.65 16.86
CA SER A 121 22.30 -27.09 17.05
C SER A 121 22.28 -27.83 15.72
N ILE A 122 21.67 -27.24 14.69
CA ILE A 122 21.58 -27.94 13.41
C ILE A 122 22.92 -28.05 12.73
N LEU A 123 23.91 -27.28 13.19
CA LEU A 123 25.26 -27.42 12.67
C LEU A 123 26.16 -28.24 13.59
N GLY A 124 25.59 -28.86 14.61
CA GLY A 124 26.37 -29.66 15.53
C GLY A 124 27.31 -28.87 16.42
N THR A 125 27.08 -27.56 16.55
CA THR A 125 27.98 -26.71 17.31
C THR A 125 27.37 -26.13 18.57
N TRP A 126 26.11 -26.43 18.87
CA TRP A 126 25.47 -25.96 20.08
C TRP A 126 24.41 -26.95 20.54
N ALA A 127 24.26 -27.09 21.85
CA ALA A 127 23.32 -28.04 22.44
C ALA A 127 22.05 -27.33 22.87
N GLY A 128 20.93 -27.68 22.24
CA GLY A 128 19.62 -27.32 22.75
C GLY A 128 19.08 -25.93 22.46
N ASP A 129 19.16 -25.48 21.21
CA ASP A 129 18.40 -24.31 20.75
C ASP A 129 17.27 -24.78 19.85
N LYS A 130 16.44 -23.83 19.41
CA LYS A 130 15.21 -24.17 18.70
C LYS A 130 15.45 -24.76 17.32
N SER A 131 16.66 -24.67 16.78
CA SER A 131 16.98 -25.46 15.60
C SER A 131 17.22 -26.88 16.07
N GLU A 132 16.78 -27.85 15.28
CA GLU A 132 16.93 -29.22 15.74
C GLU A 132 18.34 -29.71 15.47
N SER A 133 18.77 -30.73 16.21
CA SER A 133 20.09 -31.29 16.00
C SER A 133 20.18 -31.91 14.60
N TRP A 134 21.39 -31.91 14.05
CA TRP A 134 21.63 -32.51 12.73
C TRP A 134 21.45 -34.02 12.77
N SER A 135 20.88 -34.58 11.70
CA SER A 135 20.91 -36.01 11.44
C SER A 135 20.66 -36.24 9.96
N ALA A 136 21.33 -37.24 9.39
CA ALA A 136 21.24 -37.49 7.96
C ALA A 136 19.81 -37.71 7.48
N SER A 137 18.95 -38.33 8.29
CA SER A 137 17.63 -38.71 7.81
C SER A 137 16.61 -37.57 7.88
N ARG A 138 16.83 -36.58 8.72
CA ARG A 138 15.90 -35.46 8.86
C ARG A 138 16.42 -34.18 8.21
N SER A 139 17.72 -33.93 8.28
CA SER A 139 18.27 -32.60 8.05
C SER A 139 18.70 -32.40 6.60
N SER A 140 18.91 -31.14 6.24
CA SER A 140 19.37 -30.82 4.89
C SER A 140 20.10 -29.48 4.95
N LEU A 141 20.85 -29.19 3.88
CA LEU A 141 21.50 -27.88 3.79
C LEU A 141 20.44 -26.78 3.74
N LEU A 142 19.36 -27.05 2.99
CA LEU A 142 18.24 -26.12 2.94
C LEU A 142 17.75 -25.78 4.35
N GLN A 143 17.47 -26.81 5.15
CA GLN A 143 16.97 -26.57 6.50
C GLN A 143 17.97 -25.81 7.34
N ALA A 144 19.26 -26.08 7.14
CA ALA A 144 20.28 -25.28 7.82
C ALA A 144 20.18 -23.82 7.42
N LEU A 145 20.05 -23.55 6.12
CA LEU A 145 20.04 -22.14 5.67
C LEU A 145 18.80 -21.40 6.16
N VAL A 146 17.62 -22.02 6.08
CA VAL A 146 16.43 -21.32 6.58
C VAL A 146 16.47 -21.21 8.10
N SER A 147 17.19 -22.09 8.81
CA SER A 147 17.33 -21.90 10.26
C SER A 147 18.17 -20.67 10.57
N ILE A 148 19.20 -20.41 9.77
CA ILE A 148 19.99 -19.19 9.97
C ILE A 148 19.13 -17.96 9.71
N GLN A 149 18.43 -17.95 8.57
CA GLN A 149 17.60 -16.79 8.29
C GLN A 149 16.49 -16.65 9.32
N GLY A 150 15.83 -17.77 9.67
CA GLY A 150 14.66 -17.67 10.53
C GLY A 150 14.95 -17.54 12.02
N LEU A 151 16.06 -18.12 12.50
CA LEU A 151 16.33 -18.15 13.93
C LEU A 151 17.50 -17.29 14.34
N VAL A 152 18.36 -16.89 13.41
CA VAL A 152 19.52 -16.06 13.75
C VAL A 152 19.31 -14.60 13.36
N LEU A 153 18.93 -14.34 12.11
CA LEU A 153 18.76 -12.97 11.61
C LEU A 153 17.34 -12.47 11.95
N VAL A 154 17.11 -12.29 13.25
CA VAL A 154 15.80 -12.02 13.81
C VAL A 154 15.68 -10.55 14.21
N LYS A 155 14.51 -10.17 14.72
CA LYS A 155 14.25 -8.76 15.03
C LYS A 155 15.04 -8.30 16.24
N GLU A 156 15.13 -9.15 17.28
CA GLU A 156 15.81 -8.79 18.53
C GLU A 156 16.88 -9.81 18.84
N PRO A 157 18.01 -9.77 18.12
CA PRO A 157 19.02 -10.83 18.22
C PRO A 157 19.73 -10.89 19.57
N TRP A 158 19.67 -9.83 20.38
CA TRP A 158 20.30 -9.88 21.71
C TRP A 158 19.79 -11.06 22.54
N PHE A 159 18.53 -11.44 22.36
CA PHE A 159 17.98 -12.60 23.06
C PHE A 159 18.38 -13.93 22.44
N CYS A 160 19.14 -13.94 21.34
CA CYS A 160 19.72 -15.20 20.86
C CYS A 160 20.71 -15.78 21.87
N GLU A 161 21.20 -14.96 22.78
CA GLU A 161 21.99 -15.41 23.92
C GLU A 161 21.07 -16.07 24.94
N PRO A 162 21.24 -17.35 25.24
CA PRO A 162 20.27 -18.05 26.10
C PRO A 162 20.07 -17.41 27.47
N ALA A 163 21.13 -16.83 28.06
CA ALA A 163 21.01 -16.24 29.38
C ALA A 163 19.99 -15.12 29.42
N TYR A 164 19.88 -14.35 28.35
CA TYR A 164 19.13 -13.11 28.35
C TYR A 164 17.64 -13.30 28.09
N GLU A 165 17.23 -14.49 27.63
CA GLU A 165 15.83 -14.71 27.29
C GLU A 165 14.92 -14.42 28.48
N LYS A 166 15.39 -14.71 29.70
CA LYS A 166 14.61 -14.48 30.91
C LYS A 166 14.31 -13.01 31.16
N LEU A 167 14.84 -12.09 30.35
CA LEU A 167 14.72 -10.65 30.60
C LEU A 167 13.78 -9.94 29.63
N ARG A 168 13.17 -10.66 28.69
CA ARG A 168 12.20 -10.04 27.78
C ARG A 168 11.14 -9.31 28.59
N GLY A 169 10.71 -8.17 28.08
CA GLY A 169 9.67 -7.41 28.73
C GLY A 169 10.16 -6.52 29.84
N THR A 170 11.24 -6.94 30.51
CA THR A 170 11.79 -6.15 31.62
C THR A 170 12.38 -4.84 31.11
N GLU A 171 12.52 -3.88 32.03
CA GLU A 171 13.04 -2.56 31.68
C GLU A 171 14.47 -2.65 31.13
N ASP A 172 15.28 -3.56 31.69
CA ASP A 172 16.67 -3.69 31.27
C ASP A 172 16.81 -4.42 29.93
N GLY A 173 15.99 -5.45 29.70
CA GLY A 173 16.08 -6.18 28.45
C GLY A 173 15.66 -5.34 27.26
N ILE A 174 14.65 -4.49 27.43
CA ILE A 174 14.24 -3.59 26.36
C ILE A 174 15.36 -2.62 26.01
N VAL A 175 15.96 -2.00 27.03
CA VAL A 175 17.07 -1.08 26.78
C VAL A 175 18.22 -1.82 26.11
N ASN A 176 18.59 -2.98 26.64
CA ASN A 176 19.76 -3.67 26.08
C ASN A 176 19.48 -4.19 24.67
N SER A 177 18.23 -4.55 24.39
CA SER A 177 17.90 -4.99 23.04
C SER A 177 18.05 -3.84 22.04
N ARG A 178 17.59 -2.64 22.41
CA ARG A 178 17.77 -1.48 21.54
C ARG A 178 19.24 -1.14 21.34
N LEU A 179 20.03 -1.15 22.41
CA LEU A 179 21.46 -0.88 22.27
C LEU A 179 22.11 -1.90 21.34
N TYR A 180 21.78 -3.17 21.51
CA TYR A 180 22.34 -4.20 20.63
C TYR A 180 21.94 -3.96 19.19
N ASN A 181 20.66 -3.66 18.97
CA ASN A 181 20.18 -3.51 17.60
C ASN A 181 20.79 -2.30 16.93
N GLU A 182 20.98 -1.20 17.66
CA GLU A 182 21.72 -0.07 17.09
C GLU A 182 23.07 -0.51 16.54
N LYS A 183 23.80 -1.31 17.31
CA LYS A 183 25.14 -1.70 16.88
C LYS A 183 25.09 -2.68 15.72
N ALA A 184 24.21 -3.67 15.80
CA ALA A 184 24.08 -4.63 14.71
C ALA A 184 23.69 -3.94 13.41
N TYR A 185 22.82 -2.92 13.49
CA TYR A 185 22.41 -2.17 12.30
C TYR A 185 23.59 -1.46 11.67
N VAL A 186 24.34 -0.68 12.45
CA VAL A 186 25.49 0.03 11.90
C VAL A 186 26.52 -0.95 11.33
N LEU A 187 26.79 -2.05 12.03
CA LEU A 187 27.75 -3.02 11.52
C LEU A 187 27.26 -3.67 10.24
N SER A 188 25.95 -3.98 10.17
CA SER A 188 25.41 -4.63 8.97
C SER A 188 25.55 -3.74 7.75
N ARG A 189 25.41 -2.42 7.94
CA ARG A 189 25.64 -1.51 6.83
C ARG A 189 27.05 -1.69 6.28
N GLY A 190 28.01 -1.95 7.16
CA GLY A 190 29.36 -2.22 6.71
C GLY A 190 29.46 -3.52 5.91
N PHE A 191 28.50 -4.42 6.05
CA PHE A 191 28.50 -5.64 5.25
C PHE A 191 28.12 -5.34 3.80
N VAL A 192 27.19 -4.41 3.59
CA VAL A 192 26.90 -3.95 2.24
C VAL A 192 28.15 -3.37 1.61
N ARG A 193 28.88 -2.54 2.37
CA ARG A 193 30.11 -1.94 1.87
C ARG A 193 31.13 -3.00 1.48
N ARG A 194 31.35 -3.99 2.35
CA ARG A 194 32.40 -4.95 2.05
C ARG A 194 32.02 -5.82 0.86
N ALA A 195 30.74 -6.20 0.75
CA ALA A 195 30.33 -7.11 -0.32
C ALA A 195 30.50 -6.46 -1.69
N LEU A 196 30.34 -5.14 -1.77
CA LEU A 196 30.45 -4.42 -3.04
C LEU A 196 31.87 -3.91 -3.32
N GLU A 197 32.65 -3.58 -2.29
CA GLU A 197 34.01 -3.07 -2.52
C GLU A 197 34.93 -4.17 -3.01
N ILE A 198 34.78 -5.38 -2.48
CA ILE A 198 35.65 -6.49 -2.81
C ILE A 198 34.83 -7.56 -3.50
N PRO A 199 34.92 -7.67 -4.83
CA PRO A 199 34.14 -8.66 -5.58
C PRO A 199 34.18 -10.04 -4.95
N LEU A 200 33.01 -10.62 -4.75
CA LEU A 200 32.89 -11.93 -4.12
C LEU A 200 32.75 -12.98 -5.21
N GLY A 201 33.68 -13.93 -5.26
CA GLY A 201 33.65 -14.95 -6.29
C GLY A 201 32.31 -15.66 -6.45
N GLY A 202 31.78 -15.69 -7.67
CA GLY A 202 30.53 -16.36 -7.96
C GLY A 202 29.29 -15.60 -7.57
N LEU A 203 29.43 -14.42 -6.94
CA LEU A 203 28.31 -13.62 -6.49
C LEU A 203 28.39 -12.17 -6.93
N GLU A 204 29.39 -11.81 -7.75
CA GLU A 204 29.59 -10.42 -8.15
C GLU A 204 28.38 -9.85 -8.89
N GLU A 205 27.90 -10.55 -9.91
CA GLU A 205 26.82 -9.99 -10.72
C GLU A 205 25.52 -9.93 -9.94
N GLU A 206 25.25 -10.96 -9.12
CA GLU A 206 24.06 -10.95 -8.28
C GLU A 206 24.05 -9.76 -7.32
N LEU A 207 25.18 -9.51 -6.65
CA LEU A 207 25.22 -8.38 -5.70
C LEU A 207 25.04 -7.06 -6.43
N ARG A 208 25.69 -6.89 -7.59
CA ARG A 208 25.51 -5.66 -8.36
C ARG A 208 24.06 -5.48 -8.78
N TRP A 209 23.42 -6.57 -9.20
CA TRP A 209 22.03 -6.46 -9.63
C TRP A 209 21.11 -6.10 -8.47
N PHE A 210 21.30 -6.75 -7.32
CA PHE A 210 20.49 -6.45 -6.15
C PHE A 210 20.67 -5.00 -5.71
N TYR A 211 21.93 -4.58 -5.50
CA TYR A 211 22.15 -3.25 -4.93
C TYR A 211 22.04 -2.14 -5.95
N HIS A 212 22.48 -2.36 -7.20
CA HIS A 212 22.39 -1.27 -8.19
C HIS A 212 21.09 -1.34 -8.99
N THR A 213 20.94 -2.39 -9.80
CA THR A 213 19.83 -2.44 -10.75
C THR A 213 18.47 -2.49 -10.05
N SER A 214 18.33 -3.28 -8.99
CA SER A 214 17.05 -3.43 -8.33
C SER A 214 16.82 -2.37 -7.27
N GLY A 215 17.80 -1.50 -7.01
CA GLY A 215 17.63 -0.31 -6.21
C GLY A 215 17.85 -0.47 -4.72
N LYS A 216 18.40 -1.58 -4.26
CA LYS A 216 18.47 -1.76 -2.83
C LYS A 216 19.56 -0.91 -2.18
N LEU A 217 20.57 -0.46 -2.94
CA LEU A 217 21.54 0.46 -2.36
C LEU A 217 20.89 1.82 -2.10
N ARG A 218 20.03 2.27 -3.02
CA ARG A 218 19.23 3.47 -2.75
C ARG A 218 18.42 3.31 -1.48
N LYS A 219 17.82 2.14 -1.28
CA LYS A 219 17.01 1.91 -0.09
C LYS A 219 17.86 1.94 1.17
N VAL A 220 19.00 1.24 1.14
CA VAL A 220 19.90 1.24 2.28
C VAL A 220 20.33 2.66 2.63
N LEU A 221 20.72 3.45 1.62
CA LEU A 221 21.14 4.83 1.87
C LEU A 221 19.98 5.68 2.40
N GLY A 222 18.82 5.57 1.75
CA GLY A 222 17.67 6.34 2.19
C GLY A 222 17.24 5.99 3.60
N ASP A 223 17.24 4.69 3.93
CA ASP A 223 16.81 4.29 5.27
C ASP A 223 17.77 4.83 6.31
N ALA A 224 19.07 4.74 6.03
CA ALA A 224 20.07 5.22 6.98
C ALA A 224 19.94 6.73 7.17
N ARG A 225 19.80 7.47 6.07
CA ARG A 225 19.71 8.93 6.16
C ARG A 225 18.45 9.36 6.90
N ALA A 226 17.33 8.69 6.65
CA ALA A 226 16.11 8.99 7.39
C ALA A 226 16.29 8.71 8.88
N LEU A 227 17.03 7.64 9.20
CA LEU A 227 17.27 7.30 10.60
C LEU A 227 18.21 8.30 11.26
N ILE A 228 19.12 8.90 10.50
CA ILE A 228 19.97 9.95 11.07
C ILE A 228 19.15 11.18 11.44
N VAL A 229 18.14 11.54 10.61
CA VAL A 229 17.30 12.69 10.93
C VAL A 229 16.48 12.41 12.19
N LYS A 230 15.84 11.24 12.24
CA LYS A 230 15.02 10.91 13.40
C LYS A 230 15.85 10.79 14.67
N SER A 231 17.10 10.32 14.54
CA SER A 231 17.97 10.17 15.71
C SER A 231 18.42 11.54 16.22
N THR A 232 18.64 12.48 15.29
CA THR A 232 18.97 13.85 15.68
C THR A 232 17.81 14.53 16.39
N ALA A 233 16.57 14.25 15.96
CA ALA A 233 15.41 14.85 16.59
C ALA A 233 15.18 14.32 18.00
N THR A 234 15.48 13.05 18.26
CA THR A 234 15.16 12.44 19.54
C THR A 234 16.39 12.14 20.40
N GLN A 235 17.55 12.74 20.10
CA GLN A 235 18.80 12.34 20.77
C GLN A 235 18.69 12.38 22.30
N GLY A 236 17.95 13.33 22.86
CA GLY A 236 17.88 13.35 24.32
C GLY A 236 16.99 12.30 24.95
N ASP A 237 15.89 11.99 24.27
CA ASP A 237 14.65 11.56 24.92
C ASP A 237 14.81 10.29 25.76
N ALA A 238 14.12 10.28 26.90
CA ALA A 238 14.11 9.14 27.80
C ALA A 238 13.26 7.97 27.28
N GLU A 239 12.36 8.22 26.33
CA GLU A 239 11.52 7.18 25.77
C GLU A 239 11.33 7.41 24.28
N VAL A 240 11.21 6.33 23.53
CA VAL A 240 11.05 6.36 22.07
C VAL A 240 9.60 6.67 21.71
N PRO A 241 9.34 7.40 20.62
CA PRO A 241 7.95 7.70 20.23
C PRO A 241 7.13 6.44 19.98
N GLU A 242 5.80 6.60 20.10
CA GLU A 242 4.89 5.47 20.01
C GLU A 242 4.95 4.80 18.63
N ALA A 243 4.96 5.60 17.56
CA ALA A 243 5.00 5.04 16.21
C ALA A 243 6.29 4.30 15.93
N ASP A 244 7.34 4.60 16.70
CA ASP A 244 8.65 3.99 16.53
C ASP A 244 8.85 2.77 17.42
N ARG A 245 7.98 2.55 18.40
CA ARG A 245 7.91 1.23 19.01
C ARG A 245 7.64 0.20 17.92
N GLU A 246 8.06 -1.04 18.18
CA GLU A 246 7.94 -2.13 17.22
C GLU A 246 8.92 -1.99 16.05
N ARG A 247 9.65 -0.88 15.98
CA ARG A 247 10.73 -0.74 15.00
C ARG A 247 11.95 -1.49 15.53
N ALA A 248 12.59 -2.30 14.68
CA ALA A 248 13.79 -3.02 15.13
C ALA A 248 14.87 -2.04 15.57
N VAL A 249 15.10 -0.98 14.80
CA VAL A 249 16.14 0.01 15.11
C VAL A 249 15.49 1.39 15.22
N PRO A 250 15.07 1.81 16.40
CA PRO A 250 14.31 3.07 16.50
C PRO A 250 15.17 4.34 16.44
N ARG A 251 16.42 4.29 16.92
CA ARG A 251 17.25 5.49 16.89
C ARG A 251 18.69 5.11 17.19
N LEU A 252 19.60 6.02 16.83
CA LEU A 252 21.03 5.83 16.98
C LEU A 252 21.60 6.84 17.97
N SER A 253 22.68 6.43 18.65
CA SER A 253 23.45 7.37 19.47
C SER A 253 24.29 8.29 18.58
N SER A 254 24.85 9.33 19.20
CA SER A 254 25.72 10.24 18.47
C SER A 254 26.89 9.49 17.84
N GLY A 255 27.51 8.57 18.60
CA GLY A 255 28.63 7.81 18.06
C GLY A 255 28.21 6.86 16.97
N GLY A 256 27.00 6.31 17.08
CA GLY A 256 26.48 5.47 16.01
C GLY A 256 26.19 6.27 14.75
N ILE A 257 25.71 7.52 14.91
CA ILE A 257 25.50 8.38 13.76
C ILE A 257 26.81 8.57 13.02
N ILE A 258 27.86 8.99 13.74
CA ILE A 258 29.18 9.19 13.13
C ILE A 258 29.65 7.92 12.44
N ALA A 259 29.60 6.79 13.14
CA ALA A 259 29.98 5.51 12.56
C ALA A 259 29.21 5.22 11.28
N LEU A 260 27.89 5.44 11.33
CA LEU A 260 27.07 5.18 10.15
C LEU A 260 27.44 6.10 9.00
N GLU A 261 27.65 7.40 9.28
CA GLU A 261 28.02 8.34 8.21
C GLU A 261 29.39 8.02 7.60
N ARG A 262 30.33 7.46 8.38
CA ARG A 262 31.55 6.93 7.79
C ARG A 262 31.24 5.91 6.70
N THR A 263 30.36 4.96 7.03
CA THR A 263 29.97 3.93 6.05
C THR A 263 29.19 4.53 4.89
N LEU A 264 28.35 5.54 5.15
CA LEU A 264 27.58 6.15 4.07
C LEU A 264 28.50 6.80 3.03
N GLY A 265 29.62 7.38 3.47
CA GLY A 265 30.57 7.93 2.49
C GLY A 265 31.06 6.86 1.53
N LYS A 266 31.33 5.67 2.05
CA LYS A 266 31.82 4.61 1.19
C LYS A 266 30.71 4.05 0.32
N LEU A 267 29.50 3.94 0.87
CA LEU A 267 28.37 3.44 0.09
C LEU A 267 27.95 4.42 -1.00
N GLN A 268 27.93 5.73 -0.69
CA GLN A 268 27.64 6.73 -1.70
C GLN A 268 28.73 6.76 -2.77
N ALA A 269 29.98 6.52 -2.39
CA ALA A 269 31.06 6.47 -3.38
C ALA A 269 30.88 5.32 -4.35
N LEU A 270 30.31 4.20 -3.88
CA LEU A 270 30.02 3.08 -4.77
C LEU A 270 28.90 3.42 -5.76
N GLN A 271 27.82 4.06 -5.28
CA GLN A 271 26.76 4.51 -6.17
C GLN A 271 27.29 5.51 -7.21
N ASP A 272 28.17 6.43 -6.78
CA ASP A 272 28.70 7.45 -7.69
C ASP A 272 29.51 6.83 -8.83
N ALA A 273 30.32 5.81 -8.52
CA ALA A 273 31.10 5.16 -9.56
C ALA A 273 30.18 4.48 -10.56
N GLN A 274 29.12 3.84 -10.06
CA GLN A 274 28.15 3.19 -10.93
C GLN A 274 27.47 4.20 -11.84
N THR A 275 27.06 5.36 -11.29
CA THR A 275 26.42 6.40 -12.09
C THR A 275 27.37 6.95 -13.15
N ALA A 276 28.67 7.02 -12.84
CA ALA A 276 29.66 7.42 -13.85
C ALA A 276 29.67 6.45 -15.03
N THR A 277 29.89 5.16 -14.75
CA THR A 277 29.98 4.10 -15.75
C THR A 277 28.77 4.08 -16.67
N GLU A 278 27.72 4.80 -16.30
CA GLU A 278 26.53 4.89 -17.12
C GLU A 278 26.45 6.24 -17.82
N ALA A 279 27.55 6.64 -18.46
CA ALA A 279 27.62 7.89 -19.19
C ALA A 279 28.81 7.90 -20.16
N ASP B 1 -8.81 -10.07 -27.63
CA ASP B 1 -9.58 -11.00 -26.80
C ASP B 1 -9.24 -10.85 -25.33
N PRO B 2 -10.24 -11.00 -24.47
CA PRO B 2 -9.99 -10.90 -23.03
C PRO B 2 -9.31 -12.16 -22.52
N PRO B 3 -8.19 -12.00 -21.79
CA PRO B 3 -7.49 -13.19 -21.28
C PRO B 3 -8.27 -13.95 -20.22
N TRP B 4 -9.25 -13.31 -19.54
CA TRP B 4 -9.89 -13.87 -18.35
C TRP B 4 -11.36 -13.45 -18.37
N LYS B 5 -12.14 -14.11 -19.22
CA LYS B 5 -13.57 -13.83 -19.31
C LYS B 5 -14.35 -14.76 -18.39
N ARG B 6 -15.21 -14.16 -17.57
CA ARG B 6 -15.87 -14.91 -16.51
C ARG B 6 -16.89 -15.90 -17.05
N PHE B 7 -17.68 -15.51 -18.06
CA PHE B 7 -18.69 -16.40 -18.64
C PHE B 7 -18.56 -16.43 -20.16
N GLU B 8 -18.52 -17.63 -20.72
CA GLU B 8 -18.37 -17.78 -22.17
C GLU B 8 -19.09 -19.05 -22.60
N VAL B 9 -19.82 -18.97 -23.71
CA VAL B 9 -20.33 -20.16 -24.39
C VAL B 9 -19.32 -20.53 -25.47
N LEU B 10 -18.71 -21.69 -25.32
CA LEU B 10 -17.78 -22.24 -26.30
C LEU B 10 -18.53 -23.11 -27.29
N PRO B 11 -17.92 -23.38 -28.45
CA PRO B 11 -18.62 -24.23 -29.44
C PRO B 11 -18.82 -25.68 -28.98
N SER B 12 -17.79 -26.36 -28.46
CA SER B 12 -17.93 -27.77 -28.15
C SER B 12 -17.52 -28.10 -26.73
N ALA B 13 -18.25 -29.04 -26.12
CA ALA B 13 -17.83 -29.64 -24.86
C ALA B 13 -16.55 -30.43 -25.09
N PRO B 14 -15.55 -30.33 -24.22
CA PRO B 14 -14.28 -31.04 -24.42
C PRO B 14 -14.37 -32.52 -24.04
N VAL B 15 -13.50 -33.32 -24.68
CA VAL B 15 -13.64 -34.76 -24.51
C VAL B 15 -13.26 -35.20 -23.11
N ASP B 16 -12.51 -34.38 -22.38
CA ASP B 16 -12.18 -34.66 -20.99
C ASP B 16 -13.28 -34.26 -20.01
N HIS B 17 -14.44 -33.85 -20.48
CA HIS B 17 -15.51 -33.48 -19.57
C HIS B 17 -16.03 -34.71 -18.87
N ALA B 18 -16.27 -34.59 -17.56
CA ALA B 18 -16.75 -35.71 -16.76
C ALA B 18 -17.99 -36.35 -17.36
N PHE B 19 -18.80 -35.58 -18.08
CA PHE B 19 -20.08 -36.07 -18.58
C PHE B 19 -20.11 -36.18 -20.10
N TYR B 20 -18.94 -36.17 -20.74
CA TYR B 20 -18.87 -36.18 -22.19
C TYR B 20 -19.47 -37.45 -22.78
N ASN B 21 -19.31 -38.57 -22.07
CA ASN B 21 -19.76 -39.88 -22.53
C ASN B 21 -21.17 -40.21 -22.04
N THR B 22 -21.85 -39.25 -21.46
CA THR B 22 -23.26 -39.37 -21.09
C THR B 22 -24.11 -38.87 -22.26
N PRO B 23 -25.12 -39.61 -22.69
CA PRO B 23 -25.99 -39.12 -23.77
C PRO B 23 -26.69 -37.85 -23.35
N PRO B 24 -26.85 -36.89 -24.26
CA PRO B 24 -27.44 -35.59 -23.87
C PRO B 24 -28.82 -35.77 -23.26
N ALA B 25 -29.07 -35.05 -22.17
CA ALA B 25 -30.37 -35.12 -21.54
C ALA B 25 -31.44 -34.51 -22.43
N GLN B 26 -32.65 -35.07 -22.38
CA GLN B 26 -33.82 -34.46 -22.98
C GLN B 26 -34.28 -33.34 -22.05
N HIS B 27 -34.93 -32.31 -22.61
CA HIS B 27 -35.12 -31.13 -21.78
C HIS B 27 -36.51 -30.54 -21.87
N THR B 28 -36.95 -30.03 -20.72
CA THR B 28 -38.26 -29.42 -20.56
C THR B 28 -38.47 -28.29 -21.55
N ARG B 29 -39.75 -28.02 -21.83
CA ARG B 29 -40.17 -26.80 -22.51
C ARG B 29 -39.54 -25.56 -21.89
N GLN B 30 -39.55 -25.47 -20.56
CA GLN B 30 -39.04 -24.31 -19.85
C GLN B 30 -37.51 -24.20 -19.88
N PHE B 31 -36.80 -25.18 -20.42
CA PHE B 31 -35.35 -25.25 -20.25
C PHE B 31 -34.63 -24.09 -20.94
N MET B 32 -34.95 -23.82 -22.21
CA MET B 32 -34.24 -22.79 -22.95
C MET B 32 -34.40 -21.43 -22.29
N ALA B 33 -35.64 -21.07 -21.93
CA ALA B 33 -35.89 -19.81 -21.26
C ALA B 33 -35.20 -19.76 -19.90
N ARG B 34 -35.15 -20.89 -19.20
CA ARG B 34 -34.48 -20.92 -17.90
C ARG B 34 -32.98 -20.68 -18.03
N MET B 35 -32.34 -21.32 -19.01
CA MET B 35 -30.90 -21.11 -19.17
C MET B 35 -30.61 -19.69 -19.66
N SER B 36 -31.54 -19.07 -20.39
CA SER B 36 -31.39 -17.66 -20.68
C SER B 36 -31.22 -16.85 -19.40
N LYS B 37 -32.10 -17.08 -18.42
CA LYS B 37 -31.99 -16.37 -17.15
C LYS B 37 -30.72 -16.77 -16.40
N GLU B 38 -30.36 -18.06 -16.44
CA GLU B 38 -29.15 -18.53 -15.78
C GLU B 38 -27.91 -17.85 -16.37
N TYR B 39 -27.79 -17.89 -17.70
CA TYR B 39 -26.64 -17.28 -18.37
C TYR B 39 -26.55 -15.79 -18.05
N LYS B 40 -27.68 -15.09 -18.06
CA LYS B 40 -27.65 -13.66 -17.79
C LYS B 40 -27.13 -13.38 -16.38
N ALA B 41 -27.49 -14.23 -15.41
CA ALA B 41 -27.06 -14.01 -14.03
C ALA B 41 -25.56 -14.28 -13.87
N LEU B 42 -25.05 -15.30 -14.55
CA LEU B 42 -23.61 -15.56 -14.50
C LEU B 42 -22.84 -14.37 -15.09
N GLN B 43 -23.28 -13.90 -16.25
CA GLN B 43 -22.58 -12.80 -16.90
C GLN B 43 -22.61 -11.53 -16.05
N SER B 44 -23.70 -11.31 -15.32
CA SER B 44 -23.81 -10.07 -14.56
C SER B 44 -23.07 -10.15 -13.22
N SER B 45 -23.01 -11.33 -12.61
CA SER B 45 -22.70 -11.41 -11.18
C SER B 45 -21.60 -12.39 -10.77
N LEU B 46 -21.11 -13.26 -11.64
CA LEU B 46 -19.94 -14.05 -11.26
C LEU B 46 -18.80 -13.11 -10.82
N PRO B 47 -18.10 -13.42 -9.74
CA PRO B 47 -16.91 -12.65 -9.39
C PRO B 47 -15.75 -13.04 -10.31
N ASP B 48 -14.67 -12.23 -10.25
CA ASP B 48 -13.48 -12.54 -11.05
C ASP B 48 -12.86 -13.87 -10.68
N SER B 49 -13.14 -14.38 -9.48
CA SER B 49 -12.60 -15.63 -8.98
C SER B 49 -13.32 -16.86 -9.50
N ILE B 50 -14.34 -16.70 -10.33
CA ILE B 50 -15.08 -17.85 -10.84
C ILE B 50 -15.24 -17.69 -12.35
N LEU B 51 -14.79 -18.70 -13.10
CA LEU B 51 -15.00 -18.80 -14.53
C LEU B 51 -15.99 -19.92 -14.82
N VAL B 52 -16.88 -19.70 -15.79
CA VAL B 52 -17.82 -20.74 -16.22
C VAL B 52 -17.80 -20.81 -17.74
N ARG B 53 -17.78 -22.03 -18.28
CA ARG B 53 -17.92 -22.25 -19.70
C ARG B 53 -19.17 -23.08 -19.95
N ALA B 54 -19.98 -22.64 -20.90
CA ALA B 54 -21.09 -23.41 -21.46
C ALA B 54 -20.76 -23.78 -22.91
N TYR B 55 -21.56 -24.68 -23.49
CA TYR B 55 -21.25 -25.24 -24.81
C TYR B 55 -22.45 -25.19 -25.74
N GLU B 56 -22.18 -24.82 -26.99
CA GLU B 56 -23.23 -24.79 -28.02
C GLU B 56 -23.72 -26.20 -28.35
N ASP B 57 -22.79 -27.14 -28.54
CA ASP B 57 -23.19 -28.48 -28.94
C ASP B 57 -23.82 -29.28 -27.81
N ARG B 58 -23.42 -29.06 -26.56
CA ARG B 58 -24.03 -29.75 -25.42
C ARG B 58 -24.58 -28.67 -24.48
N THR B 59 -25.87 -28.32 -24.65
CA THR B 59 -26.49 -27.29 -23.84
C THR B 59 -26.78 -27.74 -22.40
N ASP B 60 -26.47 -28.99 -22.05
CA ASP B 60 -26.67 -29.51 -20.71
C ASP B 60 -25.39 -29.62 -19.89
N LEU B 61 -24.26 -29.20 -20.45
CA LEU B 61 -22.96 -29.38 -19.79
C LEU B 61 -22.34 -28.03 -19.50
N LEU B 62 -21.67 -27.92 -18.34
CA LEU B 62 -20.87 -26.74 -18.03
C LEU B 62 -19.59 -27.15 -17.30
N ARG B 63 -18.65 -26.23 -17.29
CA ARG B 63 -17.39 -26.37 -16.57
C ARG B 63 -17.15 -25.08 -15.80
N SER B 64 -16.76 -25.21 -14.53
CA SER B 64 -16.43 -24.03 -13.73
C SER B 64 -15.03 -24.17 -13.14
N LEU B 65 -14.41 -23.02 -12.92
CA LEU B 65 -13.11 -22.88 -12.29
C LEU B 65 -13.29 -21.88 -11.16
N ILE B 66 -12.95 -22.26 -9.93
CA ILE B 66 -12.95 -21.32 -8.81
C ILE B 66 -11.53 -21.20 -8.29
N ILE B 67 -11.07 -19.97 -8.10
CA ILE B 67 -9.76 -19.72 -7.51
C ILE B 67 -9.93 -19.58 -6.00
N GLY B 68 -9.08 -20.29 -5.25
CA GLY B 68 -9.13 -20.26 -3.80
C GLY B 68 -8.92 -18.87 -3.21
N PRO B 69 -9.80 -18.49 -2.27
CA PRO B 69 -9.76 -17.13 -1.73
C PRO B 69 -8.56 -16.88 -0.84
N GLU B 70 -8.26 -15.60 -0.67
CA GLU B 70 -7.09 -15.21 0.11
C GLU B 70 -7.26 -15.59 1.57
N ASN B 71 -6.13 -15.90 2.22
CA ASN B 71 -6.08 -16.32 3.62
C ASN B 71 -7.05 -17.48 3.89
N THR B 72 -6.98 -18.47 3.03
CA THR B 72 -7.52 -19.81 3.26
C THR B 72 -6.46 -20.82 2.87
N PRO B 73 -6.65 -22.08 3.25
CA PRO B 73 -5.73 -23.13 2.76
C PRO B 73 -5.70 -23.23 1.24
N TYR B 74 -6.76 -22.77 0.59
CA TYR B 74 -6.98 -22.87 -0.85
C TYR B 74 -6.37 -21.72 -1.63
N GLU B 75 -5.87 -20.70 -0.94
CA GLU B 75 -5.48 -19.45 -1.56
C GLU B 75 -4.67 -19.66 -2.84
N ASP B 76 -5.16 -19.05 -3.93
CA ASP B 76 -4.56 -18.95 -5.26
C ASP B 76 -4.59 -20.25 -6.05
N ALA B 77 -5.15 -21.35 -5.53
CA ALA B 77 -5.21 -22.61 -6.24
C ALA B 77 -6.50 -22.73 -7.06
N PRO B 78 -6.50 -23.58 -8.11
CA PRO B 78 -7.67 -23.73 -8.96
C PRO B 78 -8.52 -24.96 -8.65
N PHE B 79 -9.84 -24.80 -8.58
CA PHE B 79 -10.77 -25.89 -8.27
C PHE B 79 -11.81 -26.00 -9.37
N VAL B 80 -11.82 -27.13 -10.08
CA VAL B 80 -12.62 -27.27 -11.30
C VAL B 80 -13.76 -28.25 -11.04
N ILE B 81 -14.95 -27.91 -11.51
CA ILE B 81 -16.13 -28.76 -11.39
C ILE B 81 -16.77 -28.89 -12.76
N ASP B 82 -17.06 -30.12 -13.15
CA ASP B 82 -17.79 -30.38 -14.38
C ASP B 82 -19.25 -30.59 -14.01
N TRP B 83 -20.16 -29.94 -14.74
CA TRP B 83 -21.59 -29.93 -14.40
C TRP B 83 -22.46 -30.56 -15.48
N MET B 84 -23.54 -31.20 -15.05
CA MET B 84 -24.63 -31.67 -15.92
C MET B 84 -25.96 -31.14 -15.40
N LEU B 85 -26.85 -30.73 -16.33
CA LEU B 85 -28.23 -30.34 -16.03
C LEU B 85 -29.15 -31.39 -16.64
N ASP B 86 -29.80 -32.20 -15.80
CA ASP B 86 -30.48 -33.37 -16.34
C ASP B 86 -31.86 -32.98 -16.88
N ALA B 87 -32.68 -33.99 -17.16
CA ALA B 87 -33.92 -33.75 -17.91
C ALA B 87 -34.89 -32.84 -17.16
N ASN B 88 -34.88 -32.88 -15.84
CA ASN B 88 -35.87 -32.16 -15.06
C ASN B 88 -35.34 -30.84 -14.46
N PHE B 89 -34.16 -30.40 -14.88
CA PHE B 89 -33.70 -29.06 -14.49
C PHE B 89 -34.66 -28.00 -15.03
N PRO B 90 -35.02 -26.98 -14.23
CA PRO B 90 -34.53 -26.69 -12.88
C PRO B 90 -35.34 -27.25 -11.71
N GLN B 91 -36.27 -28.18 -11.93
CA GLN B 91 -36.89 -28.78 -10.77
C GLN B 91 -35.91 -29.64 -10.00
N THR B 92 -34.98 -30.27 -10.70
CA THR B 92 -33.86 -31.00 -10.16
C THR B 92 -32.61 -30.12 -10.16
N PRO B 93 -31.69 -30.32 -9.23
CA PRO B 93 -30.55 -29.42 -9.10
C PRO B 93 -29.48 -29.74 -10.13
N PRO B 94 -28.59 -28.80 -10.41
CA PRO B 94 -27.40 -29.13 -11.21
C PRO B 94 -26.60 -30.21 -10.53
N ILE B 95 -25.95 -31.05 -11.36
CA ILE B 95 -25.17 -32.19 -10.91
C ILE B 95 -23.69 -31.85 -11.07
N ALA B 96 -22.95 -31.89 -9.97
CA ALA B 96 -21.54 -31.52 -9.94
C ALA B 96 -20.65 -32.76 -9.94
N HIS B 97 -19.59 -32.74 -10.75
CA HIS B 97 -18.49 -33.68 -10.62
C HIS B 97 -17.21 -32.87 -10.42
N PHE B 98 -16.74 -32.82 -9.18
CA PHE B 98 -15.52 -32.11 -8.81
C PHE B 98 -14.29 -32.89 -9.30
N LEU B 99 -13.37 -32.19 -9.96
CA LEU B 99 -12.11 -32.80 -10.41
C LEU B 99 -11.12 -32.80 -9.25
N SER B 100 -11.02 -33.91 -8.50
CA SER B 100 -10.17 -33.94 -7.31
C SER B 100 -8.74 -34.29 -7.69
N TRP B 101 -7.87 -33.30 -7.73
CA TRP B 101 -6.47 -33.50 -8.05
C TRP B 101 -5.64 -33.77 -6.80
N THR B 102 -6.11 -34.75 -6.04
CA THR B 102 -5.48 -35.24 -4.84
C THR B 102 -4.78 -36.55 -5.17
N ASN B 103 -4.38 -37.31 -4.16
CA ASN B 103 -3.58 -38.49 -4.41
C ASN B 103 -4.13 -39.75 -3.75
N GLY B 104 -5.43 -39.79 -3.44
CA GLY B 104 -5.94 -40.82 -2.56
C GLY B 104 -5.62 -40.60 -1.09
N ASN B 105 -4.81 -39.59 -0.76
CA ASN B 105 -4.52 -39.31 0.64
C ASN B 105 -5.79 -38.97 1.41
N GLY B 106 -6.61 -38.10 0.83
CA GLY B 106 -7.79 -37.59 1.50
C GLY B 106 -8.36 -36.47 0.66
N ARG B 107 -9.41 -35.86 1.17
CA ARG B 107 -10.05 -34.78 0.43
C ARG B 107 -9.34 -33.46 0.66
N VAL B 108 -9.47 -32.56 -0.32
CA VAL B 108 -8.96 -31.21 -0.13
C VAL B 108 -9.91 -30.37 0.72
N ASN B 109 -11.18 -30.79 0.83
CA ASN B 109 -12.22 -30.14 1.60
C ASN B 109 -13.22 -31.22 1.97
N PRO B 110 -13.77 -31.22 3.20
CA PRO B 110 -14.72 -32.29 3.56
C PRO B 110 -15.89 -32.44 2.61
N ASN B 111 -16.34 -31.36 1.99
CA ASN B 111 -17.49 -31.40 1.09
C ASN B 111 -17.10 -31.71 -0.35
N LEU B 112 -15.81 -31.89 -0.65
CA LEU B 112 -15.36 -32.10 -2.02
C LEU B 112 -14.72 -33.48 -2.08
N TYR B 113 -15.49 -34.47 -2.51
CA TYR B 113 -15.05 -35.85 -2.46
C TYR B 113 -13.99 -36.12 -3.52
N GLU B 114 -13.05 -37.03 -3.19
CA GLU B 114 -12.09 -37.44 -4.20
C GLU B 114 -12.79 -38.08 -5.39
N GLU B 115 -13.92 -38.75 -5.12
CA GLU B 115 -14.69 -39.43 -6.16
C GLU B 115 -15.47 -38.45 -7.05
N GLY B 116 -15.60 -37.18 -6.65
CA GLY B 116 -16.21 -36.14 -7.47
C GLY B 116 -17.45 -35.51 -6.88
N LYS B 117 -18.07 -36.13 -5.88
CA LYS B 117 -19.28 -35.59 -5.32
C LYS B 117 -19.00 -34.29 -4.56
N VAL B 118 -19.94 -33.34 -4.67
CA VAL B 118 -19.90 -32.08 -3.96
C VAL B 118 -21.10 -32.07 -3.00
N CYS B 119 -20.82 -32.01 -1.70
CA CYS B 119 -21.83 -32.08 -0.65
C CYS B 119 -22.26 -30.69 -0.24
N LEU B 120 -23.47 -30.30 -0.64
CA LEU B 120 -23.97 -28.99 -0.27
C LEU B 120 -25.49 -29.05 -0.35
N SER B 121 -26.17 -28.46 0.64
CA SER B 121 -27.63 -28.45 0.58
C SER B 121 -28.14 -27.82 -0.71
N ILE B 122 -27.47 -26.77 -1.20
CA ILE B 122 -27.96 -26.14 -2.42
C ILE B 122 -27.85 -27.05 -3.65
N LEU B 123 -27.04 -28.10 -3.58
CA LEU B 123 -26.96 -29.07 -4.66
C LEU B 123 -27.88 -30.26 -4.42
N GLY B 124 -28.56 -30.28 -3.28
CA GLY B 124 -29.36 -31.42 -2.88
C GLY B 124 -28.58 -32.64 -2.49
N THR B 125 -27.28 -32.51 -2.24
CA THR B 125 -26.46 -33.67 -1.89
C THR B 125 -26.17 -33.73 -0.40
N TRP B 126 -26.84 -32.92 0.41
CA TRP B 126 -26.78 -33.05 1.86
C TRP B 126 -28.11 -32.68 2.49
N GLU B 132 -29.83 -23.67 2.98
CA GLU B 132 -30.77 -23.46 1.88
C GLU B 132 -30.66 -24.58 0.86
N SER B 133 -31.74 -25.36 0.73
CA SER B 133 -31.84 -26.45 -0.23
C SER B 133 -32.24 -25.93 -1.62
N TRP B 134 -32.02 -26.75 -2.65
CA TRP B 134 -32.26 -26.31 -4.02
C TRP B 134 -33.75 -26.26 -4.31
N SER B 135 -34.18 -25.14 -4.90
CA SER B 135 -35.54 -24.96 -5.35
C SER B 135 -35.48 -24.20 -6.66
N ALA B 136 -36.34 -24.59 -7.61
CA ALA B 136 -36.37 -23.90 -8.89
C ALA B 136 -36.67 -22.42 -8.72
N SER B 137 -37.52 -22.06 -7.75
CA SER B 137 -37.97 -20.68 -7.68
C SER B 137 -36.99 -19.74 -6.97
N ARG B 138 -36.05 -20.27 -6.18
CA ARG B 138 -35.14 -19.42 -5.45
C ARG B 138 -33.69 -19.58 -5.87
N SER B 139 -33.27 -20.76 -6.32
CA SER B 139 -31.86 -21.06 -6.55
C SER B 139 -31.45 -20.81 -8.01
N SER B 140 -30.13 -20.79 -8.23
CA SER B 140 -29.55 -20.55 -9.54
C SER B 140 -28.17 -21.20 -9.53
N LEU B 141 -27.63 -21.43 -10.73
CA LEU B 141 -26.25 -21.86 -10.84
C LEU B 141 -25.31 -20.82 -10.24
N LEU B 142 -25.61 -19.54 -10.45
CA LEU B 142 -24.82 -18.49 -9.82
C LEU B 142 -24.75 -18.70 -8.31
N GLN B 143 -25.90 -18.92 -7.68
CA GLN B 143 -25.90 -19.07 -6.24
C GLN B 143 -25.12 -20.29 -5.79
N ALA B 144 -25.25 -21.40 -6.54
CA ALA B 144 -24.49 -22.60 -6.24
C ALA B 144 -22.99 -22.30 -6.29
N LEU B 145 -22.54 -21.59 -7.33
CA LEU B 145 -21.11 -21.35 -7.49
C LEU B 145 -20.58 -20.40 -6.42
N VAL B 146 -21.33 -19.34 -6.10
CA VAL B 146 -20.81 -18.44 -5.06
C VAL B 146 -20.94 -19.09 -3.70
N SER B 147 -21.91 -19.98 -3.51
CA SER B 147 -21.96 -20.79 -2.30
C SER B 147 -20.70 -21.65 -2.16
N ILE B 148 -20.20 -22.24 -3.25
CA ILE B 148 -19.00 -23.06 -3.13
C ILE B 148 -17.83 -22.20 -2.71
N GLN B 149 -17.68 -21.03 -3.34
CA GLN B 149 -16.56 -20.17 -2.97
C GLN B 149 -16.68 -19.71 -1.52
N GLY B 150 -17.88 -19.28 -1.12
CA GLY B 150 -18.04 -18.65 0.17
C GLY B 150 -18.31 -19.57 1.34
N LEU B 151 -18.89 -20.75 1.06
CA LEU B 151 -19.22 -21.69 2.13
C LEU B 151 -18.29 -22.89 2.20
N VAL B 152 -17.61 -23.23 1.11
CA VAL B 152 -16.73 -24.40 1.07
C VAL B 152 -15.27 -23.99 1.17
N LEU B 153 -14.83 -23.03 0.34
CA LEU B 153 -13.40 -22.69 0.33
C LEU B 153 -13.13 -21.61 1.38
N VAL B 154 -13.23 -22.03 2.64
CA VAL B 154 -13.24 -21.10 3.76
C VAL B 154 -11.93 -21.19 4.55
N LYS B 155 -11.80 -20.36 5.59
CA LYS B 155 -10.56 -20.29 6.36
C LYS B 155 -10.31 -21.56 7.17
N GLU B 156 -11.36 -22.14 7.76
CA GLU B 156 -11.23 -23.35 8.57
C GLU B 156 -12.15 -24.43 8.01
N PRO B 157 -11.79 -25.03 6.86
CA PRO B 157 -12.69 -25.97 6.19
C PRO B 157 -13.00 -27.24 6.94
N TRP B 158 -12.24 -27.60 7.98
CA TRP B 158 -12.56 -28.82 8.73
C TRP B 158 -13.98 -28.77 9.28
N PHE B 159 -14.46 -27.57 9.62
CA PHE B 159 -15.82 -27.40 10.13
C PHE B 159 -16.88 -27.42 9.03
N CYS B 160 -16.50 -27.60 7.76
CA CYS B 160 -17.47 -27.76 6.69
C CYS B 160 -18.22 -29.08 6.80
N GLU B 161 -17.60 -30.07 7.44
CA GLU B 161 -18.32 -31.27 7.88
C GLU B 161 -19.33 -30.81 8.92
N PRO B 162 -20.63 -30.85 8.62
CA PRO B 162 -21.59 -30.07 9.43
C PRO B 162 -21.71 -30.56 10.86
N ALA B 163 -21.60 -31.86 11.12
CA ALA B 163 -21.57 -32.33 12.51
C ALA B 163 -20.44 -31.68 13.29
N TYR B 164 -19.30 -31.47 12.64
CA TYR B 164 -18.10 -30.98 13.32
C TYR B 164 -18.21 -29.52 13.73
N GLU B 165 -19.17 -28.77 13.16
CA GLU B 165 -19.40 -27.39 13.59
C GLU B 165 -19.57 -27.31 15.11
N LYS B 166 -20.21 -28.33 15.69
CA LYS B 166 -20.40 -28.34 17.15
C LYS B 166 -19.07 -28.37 17.90
N LEU B 167 -17.99 -28.84 17.26
CA LEU B 167 -16.69 -28.98 17.89
C LEU B 167 -15.87 -27.70 17.89
N ARG B 168 -16.36 -26.64 17.26
CA ARG B 168 -15.67 -25.35 17.26
C ARG B 168 -15.46 -24.84 18.68
N GLY B 169 -14.27 -24.29 18.94
CA GLY B 169 -13.91 -23.80 20.25
C GLY B 169 -13.30 -24.82 21.18
N THR B 170 -13.56 -26.11 20.94
CA THR B 170 -13.07 -27.15 21.83
C THR B 170 -11.61 -27.46 21.51
N GLU B 171 -10.93 -28.05 22.49
CA GLU B 171 -9.49 -28.30 22.35
C GLU B 171 -9.21 -29.23 21.18
N ASP B 172 -9.99 -30.30 21.01
CA ASP B 172 -9.72 -31.16 19.87
C ASP B 172 -10.24 -30.58 18.56
N GLY B 173 -11.24 -29.69 18.61
CA GLY B 173 -11.62 -28.98 17.39
C GLY B 173 -10.52 -28.06 16.89
N ILE B 174 -9.88 -27.33 17.80
CA ILE B 174 -8.79 -26.45 17.41
C ILE B 174 -7.64 -27.25 16.79
N VAL B 175 -7.27 -28.37 17.41
CA VAL B 175 -6.14 -29.17 16.93
C VAL B 175 -6.45 -29.79 15.58
N ASN B 176 -7.66 -30.33 15.42
CA ASN B 176 -8.01 -30.94 14.14
C ASN B 176 -8.09 -29.88 13.04
N SER B 177 -8.64 -28.71 13.35
CA SER B 177 -8.68 -27.67 12.34
C SER B 177 -7.28 -27.24 11.93
N ARG B 178 -6.35 -27.17 12.89
CA ARG B 178 -4.97 -26.80 12.57
C ARG B 178 -4.31 -27.87 11.71
N LEU B 179 -4.46 -29.13 12.09
CA LEU B 179 -3.87 -30.19 11.31
C LEU B 179 -4.53 -30.27 9.94
N TYR B 180 -5.84 -30.02 9.86
CA TYR B 180 -6.51 -30.13 8.56
C TYR B 180 -6.05 -29.02 7.63
N ASN B 181 -5.90 -27.81 8.15
CA ASN B 181 -5.48 -26.71 7.30
C ASN B 181 -4.11 -26.98 6.69
N GLU B 182 -3.22 -27.65 7.44
CA GLU B 182 -1.91 -28.00 6.88
C GLU B 182 -2.07 -28.93 5.70
N LYS B 183 -2.93 -29.93 5.85
CA LYS B 183 -3.15 -30.90 4.79
C LYS B 183 -3.80 -30.24 3.58
N ALA B 184 -4.85 -29.45 3.83
CA ALA B 184 -5.55 -28.78 2.74
C ALA B 184 -4.63 -27.80 2.02
N TYR B 185 -3.77 -27.10 2.77
CA TYR B 185 -2.82 -26.21 2.13
C TYR B 185 -1.91 -26.96 1.17
N VAL B 186 -1.27 -28.03 1.65
CA VAL B 186 -0.33 -28.77 0.81
C VAL B 186 -1.04 -29.40 -0.38
N LEU B 187 -2.21 -30.01 -0.14
CA LEU B 187 -2.97 -30.58 -1.25
C LEU B 187 -3.36 -29.51 -2.27
N SER B 188 -3.73 -28.31 -1.81
CA SER B 188 -4.14 -27.28 -2.77
C SER B 188 -2.98 -26.87 -3.65
N ARG B 189 -1.77 -26.77 -3.10
CA ARG B 189 -0.63 -26.51 -3.98
C ARG B 189 -0.56 -27.55 -5.07
N GLY B 190 -0.91 -28.81 -4.76
CA GLY B 190 -0.91 -29.85 -5.78
C GLY B 190 -1.96 -29.65 -6.87
N PHE B 191 -3.04 -28.94 -6.55
CA PHE B 191 -4.02 -28.58 -7.59
C PHE B 191 -3.41 -27.59 -8.57
N VAL B 192 -2.55 -26.69 -8.10
CA VAL B 192 -1.85 -25.81 -9.02
C VAL B 192 -1.04 -26.63 -10.02
N ARG B 193 -0.25 -27.58 -9.49
CA ARG B 193 0.59 -28.44 -10.32
C ARG B 193 -0.22 -29.22 -11.36
N ARG B 194 -1.36 -29.81 -10.95
CA ARG B 194 -2.11 -30.59 -11.93
C ARG B 194 -2.76 -29.70 -12.98
N ALA B 195 -3.28 -28.55 -12.56
CA ALA B 195 -3.90 -27.62 -13.50
C ALA B 195 -2.94 -27.25 -14.62
N LEU B 196 -1.65 -27.14 -14.32
CA LEU B 196 -0.68 -26.68 -15.31
C LEU B 196 0.00 -27.79 -16.09
N GLU B 197 -0.13 -29.04 -15.66
CA GLU B 197 0.47 -30.15 -16.37
C GLU B 197 -0.50 -30.93 -17.23
N ILE B 198 -1.76 -31.01 -16.83
CA ILE B 198 -2.77 -31.80 -17.53
C ILE B 198 -3.66 -30.84 -18.31
N PRO B 199 -3.85 -31.07 -19.61
CA PRO B 199 -4.74 -30.20 -20.40
C PRO B 199 -6.16 -30.15 -19.85
N LEU B 200 -6.67 -28.94 -19.69
CA LEU B 200 -8.02 -28.70 -19.21
C LEU B 200 -8.78 -27.98 -20.33
N GLY B 201 -9.58 -28.73 -21.08
CA GLY B 201 -10.27 -28.17 -22.22
C GLY B 201 -11.12 -26.97 -21.87
N GLY B 202 -10.98 -25.88 -22.62
CA GLY B 202 -11.73 -24.67 -22.38
C GLY B 202 -11.11 -23.71 -21.40
N LEU B 203 -10.08 -24.13 -20.66
CA LEU B 203 -9.51 -23.29 -19.62
C LEU B 203 -7.99 -23.16 -19.69
N GLU B 204 -7.35 -23.73 -20.70
CA GLU B 204 -5.89 -23.79 -20.70
C GLU B 204 -5.26 -22.41 -20.81
N GLU B 205 -5.82 -21.54 -21.66
CA GLU B 205 -5.19 -20.24 -21.88
C GLU B 205 -5.43 -19.33 -20.69
N GLU B 206 -6.57 -19.50 -20.01
CA GLU B 206 -6.85 -18.72 -18.82
C GLU B 206 -5.92 -19.09 -17.67
N LEU B 207 -5.70 -20.39 -17.48
CA LEU B 207 -4.80 -20.90 -16.43
C LEU B 207 -3.36 -20.48 -16.68
N ARG B 208 -2.92 -20.55 -17.93
CA ARG B 208 -1.57 -20.10 -18.27
C ARG B 208 -1.43 -18.60 -18.05
N TRP B 209 -2.46 -17.83 -18.43
CA TRP B 209 -2.40 -16.39 -18.21
C TRP B 209 -2.36 -16.07 -16.72
N PHE B 210 -3.19 -16.74 -15.93
CA PHE B 210 -3.21 -16.51 -14.48
C PHE B 210 -1.88 -16.87 -13.84
N TYR B 211 -1.40 -18.10 -14.08
CA TYR B 211 -0.25 -18.57 -13.31
C TYR B 211 1.08 -18.07 -13.87
N HIS B 212 1.18 -17.94 -15.20
CA HIS B 212 2.44 -17.55 -15.83
C HIS B 212 2.49 -16.06 -16.17
N THR B 213 1.62 -15.60 -17.08
CA THR B 213 1.69 -14.19 -17.51
C THR B 213 1.47 -13.24 -16.33
N SER B 214 0.51 -13.54 -15.47
CA SER B 214 0.16 -12.67 -14.34
C SER B 214 0.98 -12.96 -13.09
N GLY B 215 1.88 -13.93 -13.14
CA GLY B 215 2.79 -14.18 -12.05
C GLY B 215 2.23 -14.88 -10.84
N LYS B 216 1.08 -15.55 -10.96
CA LYS B 216 0.53 -16.20 -9.78
C LYS B 216 1.30 -17.47 -9.39
N LEU B 217 1.96 -18.14 -10.33
CA LEU B 217 2.80 -19.25 -9.91
C LEU B 217 3.99 -18.76 -9.07
N ARG B 218 4.60 -17.65 -9.49
CA ARG B 218 5.68 -17.06 -8.70
C ARG B 218 5.18 -16.66 -7.32
N LYS B 219 3.93 -16.22 -7.23
CA LYS B 219 3.34 -15.89 -5.94
C LYS B 219 3.12 -17.14 -5.11
N VAL B 220 2.54 -18.19 -5.69
CA VAL B 220 2.39 -19.46 -4.97
C VAL B 220 3.75 -19.96 -4.46
N LEU B 221 4.77 -19.96 -5.32
CA LEU B 221 6.09 -20.42 -4.88
C LEU B 221 6.61 -19.54 -3.74
N GLY B 222 6.50 -18.22 -3.89
CA GLY B 222 7.09 -17.32 -2.91
C GLY B 222 6.39 -17.41 -1.56
N ASP B 223 5.07 -17.58 -1.58
CA ASP B 223 4.31 -17.75 -0.35
C ASP B 223 4.67 -19.04 0.36
N ALA B 224 4.82 -20.14 -0.39
CA ALA B 224 5.21 -21.42 0.22
C ALA B 224 6.61 -21.31 0.84
N ARG B 225 7.53 -20.67 0.14
CA ARG B 225 8.90 -20.57 0.65
C ARG B 225 8.95 -19.68 1.89
N ALA B 226 8.17 -18.59 1.89
CA ALA B 226 8.13 -17.74 3.08
C ALA B 226 7.52 -18.51 4.25
N LEU B 227 6.52 -19.35 3.97
CA LEU B 227 5.93 -20.17 5.03
C LEU B 227 6.94 -21.16 5.60
N ILE B 228 7.84 -21.69 4.76
CA ILE B 228 8.83 -22.62 5.28
C ILE B 228 9.77 -21.88 6.23
N VAL B 229 10.15 -20.64 5.91
CA VAL B 229 11.03 -19.87 6.80
C VAL B 229 10.32 -19.55 8.10
N LYS B 230 9.06 -19.09 8.02
CA LYS B 230 8.30 -18.75 9.21
C LYS B 230 8.06 -19.97 10.09
N SER B 231 7.94 -21.14 9.49
CA SER B 231 7.74 -22.37 10.27
C SER B 231 8.99 -22.75 11.04
N THR B 232 10.15 -22.50 10.46
CA THR B 232 11.40 -22.71 11.19
C THR B 232 11.56 -21.71 12.33
N ALA B 233 11.22 -20.43 12.08
CA ALA B 233 11.41 -19.40 13.10
C ALA B 233 10.55 -19.65 14.33
N THR B 234 9.45 -20.39 14.19
CA THR B 234 8.50 -20.58 15.28
C THR B 234 8.49 -22.01 15.79
N GLN B 235 9.44 -22.84 15.33
CA GLN B 235 9.43 -24.24 15.72
C GLN B 235 9.88 -24.46 17.16
N GLY B 236 10.44 -23.45 17.81
CA GLY B 236 10.56 -23.49 19.25
C GLY B 236 9.23 -23.63 19.96
N ASP B 237 8.13 -23.30 19.27
CA ASP B 237 6.74 -23.51 19.68
C ASP B 237 6.28 -22.44 20.66
N ALA B 238 5.76 -22.87 21.81
CA ALA B 238 5.17 -21.98 22.82
C ALA B 238 4.02 -21.19 22.22
N GLU B 239 3.09 -21.93 21.60
CA GLU B 239 1.92 -21.38 20.90
C GLU B 239 2.33 -20.64 19.64
N VAL B 240 1.39 -19.97 18.99
CA VAL B 240 1.59 -19.27 17.72
C VAL B 240 1.75 -17.78 18.00
N PRO B 241 2.65 -17.05 17.29
CA PRO B 241 2.74 -15.60 17.52
C PRO B 241 1.41 -14.88 17.34
N GLU B 242 1.27 -13.71 17.96
CA GLU B 242 0.03 -12.97 17.88
C GLU B 242 -0.14 -12.27 16.53
N ALA B 243 0.96 -11.94 15.87
CA ALA B 243 0.90 -11.31 14.56
C ALA B 243 0.48 -12.28 13.45
N ASP B 244 0.48 -13.59 13.74
CA ASP B 244 0.05 -14.60 12.77
C ASP B 244 -1.26 -15.26 13.18
N ARG B 245 -1.87 -14.82 14.28
CA ARG B 245 -2.98 -15.56 14.88
C ARG B 245 -4.19 -15.63 13.96
N GLU B 246 -4.37 -14.63 13.09
CA GLU B 246 -5.52 -14.61 12.20
C GLU B 246 -5.24 -15.27 10.86
N ARG B 247 -4.07 -15.91 10.69
CA ARG B 247 -3.74 -16.59 9.45
C ARG B 247 -4.39 -17.96 9.42
N ALA B 248 -4.93 -18.32 8.25
CA ALA B 248 -5.47 -19.66 8.07
C ALA B 248 -4.40 -20.74 8.29
N VAL B 249 -3.21 -20.52 7.75
CA VAL B 249 -2.07 -21.45 7.86
C VAL B 249 -0.86 -20.67 8.40
N PRO B 250 -0.74 -20.50 9.71
CA PRO B 250 0.34 -19.66 10.22
C PRO B 250 1.71 -20.31 10.19
N ARG B 251 1.77 -21.65 10.16
CA ARG B 251 3.03 -22.39 10.07
C ARG B 251 2.69 -23.81 9.67
N LEU B 252 3.72 -24.60 9.36
CA LEU B 252 3.57 -26.02 9.06
C LEU B 252 4.47 -26.86 9.96
N SER B 253 3.96 -28.01 10.38
CA SER B 253 4.79 -28.99 11.07
C SER B 253 5.84 -29.57 10.12
N SER B 254 6.85 -30.24 10.70
CA SER B 254 7.92 -30.77 9.86
C SER B 254 7.37 -31.71 8.79
N GLY B 255 6.39 -32.55 9.15
CA GLY B 255 5.78 -33.42 8.15
C GLY B 255 5.14 -32.64 7.00
N GLY B 256 4.40 -31.59 7.32
CA GLY B 256 3.81 -30.75 6.28
C GLY B 256 4.85 -30.02 5.44
N ILE B 257 5.96 -29.58 6.07
CA ILE B 257 7.02 -28.95 5.30
C ILE B 257 7.57 -29.91 4.25
N ILE B 258 7.82 -31.17 4.64
CA ILE B 258 8.37 -32.13 3.70
C ILE B 258 7.41 -32.36 2.54
N ALA B 259 6.12 -32.53 2.85
CA ALA B 259 5.14 -32.71 1.78
C ALA B 259 5.09 -31.49 0.87
N LEU B 260 5.13 -30.29 1.45
CA LEU B 260 5.11 -29.09 0.62
C LEU B 260 6.33 -29.04 -0.28
N GLU B 261 7.50 -29.38 0.25
CA GLU B 261 8.73 -29.29 -0.53
C GLU B 261 8.69 -30.23 -1.73
N ARG B 262 8.11 -31.41 -1.57
CA ARG B 262 7.94 -32.31 -2.71
C ARG B 262 7.12 -31.64 -3.81
N THR B 263 6.00 -30.98 -3.44
CA THR B 263 5.18 -30.33 -4.45
C THR B 263 5.86 -29.10 -5.03
N LEU B 264 6.61 -28.36 -4.21
CA LEU B 264 7.36 -27.22 -4.74
C LEU B 264 8.35 -27.65 -5.81
N GLY B 265 8.92 -28.86 -5.71
CA GLY B 265 9.79 -29.35 -6.76
C GLY B 265 9.08 -29.44 -8.10
N LYS B 266 7.84 -29.92 -8.08
CA LYS B 266 7.12 -30.04 -9.34
C LYS B 266 6.67 -28.66 -9.83
N LEU B 267 6.31 -27.77 -8.91
CA LEU B 267 5.91 -26.42 -9.31
C LEU B 267 7.09 -25.64 -9.86
N GLN B 268 8.26 -25.76 -9.24
CA GLN B 268 9.43 -25.06 -9.77
C GLN B 268 9.83 -25.62 -11.12
N ALA B 269 9.68 -26.94 -11.31
CA ALA B 269 9.97 -27.51 -12.62
C ALA B 269 9.05 -26.94 -13.69
N LEU B 270 7.79 -26.59 -13.34
CA LEU B 270 6.91 -25.97 -14.33
C LEU B 270 7.32 -24.54 -14.64
N GLN B 271 7.85 -23.82 -13.65
CA GLN B 271 8.40 -22.50 -13.95
C GLN B 271 9.62 -22.63 -14.86
N ASP B 272 10.51 -23.57 -14.56
CA ASP B 272 11.70 -23.78 -15.40
C ASP B 272 11.30 -24.18 -16.82
N ALA B 273 10.31 -25.06 -16.97
CA ALA B 273 9.85 -25.42 -18.31
C ALA B 273 9.34 -24.19 -19.05
N GLN B 274 8.61 -23.30 -18.34
CA GLN B 274 8.08 -22.10 -18.96
C GLN B 274 9.19 -21.13 -19.36
N THR B 275 10.13 -20.87 -18.45
CA THR B 275 11.21 -19.94 -18.77
C THR B 275 12.00 -20.42 -19.99
N ALA B 276 12.05 -21.74 -20.21
CA ALA B 276 12.71 -22.29 -21.37
C ALA B 276 11.97 -21.95 -22.67
N THR B 277 10.64 -22.06 -22.66
CA THR B 277 9.86 -21.73 -23.84
C THR B 277 10.13 -20.30 -24.32
N GLU B 278 10.23 -19.36 -23.39
CA GLU B 278 10.42 -17.95 -23.71
C GLU B 278 11.79 -17.65 -24.30
N ALA B 279 12.68 -18.64 -24.41
CA ALA B 279 14.02 -18.45 -25.01
C ALA B 279 13.94 -18.79 -26.49
N ASN B 280 13.93 -17.76 -27.33
CA ASN B 280 13.83 -17.90 -28.78
C ASN B 280 15.03 -17.25 -29.46
N ALA B 281 15.13 -17.50 -30.78
CA ALA B 281 16.22 -16.97 -31.59
C ALA B 281 15.81 -16.89 -33.06
N ASP C 1 -8.29 19.01 -24.55
CA ASP C 1 -9.02 19.37 -23.33
C ASP C 1 -8.72 18.39 -22.19
N PRO C 2 -8.74 18.88 -20.96
CA PRO C 2 -8.63 17.97 -19.81
C PRO C 2 -9.91 17.17 -19.65
N PRO C 3 -9.79 15.89 -19.26
CA PRO C 3 -10.97 15.01 -19.24
C PRO C 3 -11.84 15.14 -18.00
N TRP C 4 -11.31 15.72 -16.92
CA TRP C 4 -12.00 15.84 -15.64
C TRP C 4 -11.64 17.23 -15.09
N LYS C 5 -12.25 18.27 -15.67
CA LYS C 5 -12.05 19.65 -15.23
C LYS C 5 -13.07 20.01 -14.17
N ARG C 6 -12.58 20.45 -13.01
CA ARG C 6 -13.45 20.65 -11.85
C ARG C 6 -14.47 21.75 -12.07
N PHE C 7 -14.07 22.88 -12.65
CA PHE C 7 -14.99 23.95 -12.93
C PHE C 7 -14.82 24.44 -14.37
N GLU C 8 -15.95 24.66 -15.05
CA GLU C 8 -15.95 25.08 -16.43
C GLU C 8 -17.26 25.82 -16.72
N VAL C 9 -17.19 26.84 -17.58
CA VAL C 9 -18.39 27.51 -18.10
C VAL C 9 -18.66 26.95 -19.49
N LEU C 10 -19.85 26.41 -19.70
CA LEU C 10 -20.21 25.87 -21.01
C LEU C 10 -21.09 26.86 -21.76
N PRO C 11 -21.26 26.69 -23.08
CA PRO C 11 -22.08 27.64 -23.85
C PRO C 11 -23.54 27.67 -23.45
N SER C 12 -24.17 26.51 -23.25
CA SER C 12 -25.62 26.49 -23.02
C SER C 12 -25.98 25.57 -21.87
N ALA C 13 -26.99 25.97 -21.10
CA ALA C 13 -27.59 25.08 -20.12
C ALA C 13 -28.21 23.88 -20.84
N PRO C 14 -28.06 22.67 -20.31
CA PRO C 14 -28.60 21.50 -20.99
C PRO C 14 -30.11 21.44 -20.88
N VAL C 15 -30.72 20.78 -21.87
CA VAL C 15 -32.16 20.65 -21.90
C VAL C 15 -32.65 19.81 -20.71
N ASP C 16 -31.82 18.88 -20.20
CA ASP C 16 -32.22 18.09 -19.05
C ASP C 16 -31.95 18.79 -17.71
N HIS C 17 -31.66 20.09 -17.70
CA HIS C 17 -31.51 20.80 -16.44
C HIS C 17 -32.87 20.91 -15.73
N ALA C 18 -32.87 20.66 -14.42
CA ALA C 18 -34.12 20.75 -13.65
C ALA C 18 -34.79 22.12 -13.74
N PHE C 19 -34.04 23.18 -14.07
CA PHE C 19 -34.61 24.53 -14.14
C PHE C 19 -34.55 25.09 -15.55
N TYR C 20 -34.39 24.22 -16.55
CA TYR C 20 -34.27 24.65 -17.94
C TYR C 20 -35.48 25.49 -18.39
N ASN C 21 -36.68 25.14 -17.92
CA ASN C 21 -37.91 25.81 -18.34
C ASN C 21 -38.30 26.98 -17.45
N THR C 22 -37.53 27.29 -16.44
CA THR C 22 -37.80 28.44 -15.60
C THR C 22 -37.46 29.72 -16.37
N PRO C 23 -38.32 30.73 -16.33
CA PRO C 23 -37.96 32.02 -16.94
C PRO C 23 -36.79 32.65 -16.21
N PRO C 24 -35.75 33.06 -16.93
CA PRO C 24 -34.60 33.67 -16.25
C PRO C 24 -35.00 34.96 -15.55
N ALA C 25 -34.53 35.10 -14.31
CA ALA C 25 -34.88 36.24 -13.49
C ALA C 25 -33.95 37.42 -13.77
N GLN C 26 -34.45 38.63 -13.54
CA GLN C 26 -33.61 39.80 -13.52
C GLN C 26 -32.90 39.88 -12.17
N HIS C 27 -31.57 39.96 -12.20
CA HIS C 27 -30.77 40.04 -10.98
C HIS C 27 -30.36 41.47 -10.69
N THR C 28 -29.80 41.66 -9.50
CA THR C 28 -29.32 42.98 -9.09
C THR C 28 -28.09 43.37 -9.89
N ARG C 29 -27.74 44.66 -9.81
CA ARG C 29 -26.58 45.16 -10.53
C ARG C 29 -25.30 44.44 -10.11
N GLN C 30 -25.25 43.94 -8.88
CA GLN C 30 -24.04 43.34 -8.33
C GLN C 30 -24.03 41.82 -8.42
N PHE C 31 -24.97 41.23 -9.18
CA PHE C 31 -25.01 39.78 -9.32
C PHE C 31 -23.76 39.24 -10.00
N MET C 32 -23.41 39.80 -11.15
CA MET C 32 -22.33 39.22 -11.93
C MET C 32 -20.97 39.46 -11.27
N ALA C 33 -20.86 40.46 -10.39
CA ALA C 33 -19.67 40.60 -9.56
C ALA C 33 -19.62 39.54 -8.46
N ARG C 34 -20.78 39.18 -7.92
CA ARG C 34 -20.83 38.12 -6.92
C ARG C 34 -20.49 36.77 -7.53
N MET C 35 -21.09 36.46 -8.69
CA MET C 35 -20.74 35.24 -9.42
C MET C 35 -19.26 35.16 -9.77
N SER C 36 -18.61 36.30 -10.07
CA SER C 36 -17.19 36.25 -10.33
C SER C 36 -16.43 35.74 -9.11
N LYS C 37 -16.81 36.20 -7.91
CA LYS C 37 -16.22 35.69 -6.68
C LYS C 37 -16.53 34.21 -6.49
N GLU C 38 -17.78 33.81 -6.75
CA GLU C 38 -18.17 32.40 -6.61
C GLU C 38 -17.36 31.51 -7.54
N TYR C 39 -17.17 31.92 -8.81
CA TYR C 39 -16.43 31.09 -9.76
C TYR C 39 -14.99 30.89 -9.33
N LYS C 40 -14.36 31.96 -8.81
CA LYS C 40 -12.97 31.87 -8.39
C LYS C 40 -12.79 30.91 -7.22
N ALA C 41 -13.74 30.91 -6.27
CA ALA C 41 -13.68 29.97 -5.17
C ALA C 41 -13.87 28.54 -5.63
N LEU C 42 -14.80 28.31 -6.57
CA LEU C 42 -14.95 26.97 -7.13
C LEU C 42 -13.66 26.53 -7.82
N GLN C 43 -13.12 27.38 -8.69
CA GLN C 43 -11.93 27.04 -9.44
C GLN C 43 -10.76 26.71 -8.51
N SER C 44 -10.62 27.46 -7.41
CA SER C 44 -9.47 27.27 -6.54
C SER C 44 -9.66 26.12 -5.56
N SER C 45 -10.88 25.86 -5.12
CA SER C 45 -11.05 25.05 -3.92
C SER C 45 -11.95 23.83 -4.05
N LEU C 46 -12.61 23.61 -5.20
CA LEU C 46 -13.37 22.38 -5.38
C LEU C 46 -12.42 21.19 -5.33
N PRO C 47 -12.80 20.11 -4.65
CA PRO C 47 -12.00 18.89 -4.70
C PRO C 47 -12.29 18.13 -6.00
N ASP C 48 -11.39 17.18 -6.32
CA ASP C 48 -11.55 16.37 -7.52
C ASP C 48 -12.88 15.65 -7.57
N SER C 49 -13.50 15.45 -6.41
CA SER C 49 -14.73 14.69 -6.29
C SER C 49 -15.97 15.52 -6.63
N ILE C 50 -15.85 16.82 -6.89
CA ILE C 50 -17.00 17.66 -7.20
C ILE C 50 -16.73 18.41 -8.50
N LEU C 51 -17.61 18.22 -9.48
CA LEU C 51 -17.58 18.94 -10.75
C LEU C 51 -18.71 19.95 -10.77
N VAL C 52 -18.45 21.14 -11.31
CA VAL C 52 -19.47 22.18 -11.42
C VAL C 52 -19.41 22.74 -12.83
N ARG C 53 -20.58 22.93 -13.44
CA ARG C 53 -20.65 23.58 -14.73
C ARG C 53 -21.57 24.78 -14.62
N ALA C 54 -21.11 25.91 -15.14
CA ALA C 54 -21.93 27.08 -15.34
C ALA C 54 -22.13 27.28 -16.84
N TYR C 55 -22.97 28.26 -17.18
CA TYR C 55 -23.43 28.44 -18.54
C TYR C 55 -23.38 29.91 -18.93
N GLU C 56 -23.00 30.16 -20.19
CA GLU C 56 -23.02 31.52 -20.70
C GLU C 56 -24.44 31.99 -20.97
N ASP C 57 -25.33 31.08 -21.35
CA ASP C 57 -26.65 31.50 -21.76
C ASP C 57 -27.66 31.57 -20.61
N ARG C 58 -27.39 30.93 -19.48
CA ARG C 58 -28.23 31.03 -18.29
C ARG C 58 -27.25 31.27 -17.14
N THR C 59 -26.99 32.54 -16.82
CA THR C 59 -26.02 32.82 -15.77
C THR C 59 -26.55 32.54 -14.38
N ASP C 60 -27.80 32.11 -14.26
CA ASP C 60 -28.44 31.81 -12.99
C ASP C 60 -28.55 30.32 -12.71
N LEU C 61 -28.06 29.47 -13.61
CA LEU C 61 -28.18 28.02 -13.49
C LEU C 61 -26.81 27.37 -13.37
N LEU C 62 -26.72 26.33 -12.54
CA LEU C 62 -25.51 25.54 -12.47
C LEU C 62 -25.90 24.08 -12.30
N ARG C 63 -24.96 23.21 -12.67
CA ARG C 63 -25.04 21.78 -12.44
C ARG C 63 -23.79 21.34 -11.68
N SER C 64 -23.99 20.53 -10.64
CA SER C 64 -22.90 19.96 -9.88
C SER C 64 -22.99 18.44 -9.90
N LEU C 65 -21.82 17.79 -9.86
CA LEU C 65 -21.71 16.33 -9.76
C LEU C 65 -20.76 16.00 -8.61
N ILE C 66 -21.21 15.16 -7.69
CA ILE C 66 -20.42 14.75 -6.53
C ILE C 66 -20.26 13.23 -6.59
N ILE C 67 -19.01 12.76 -6.58
CA ILE C 67 -18.73 11.33 -6.51
C ILE C 67 -18.79 10.87 -5.06
N GLY C 68 -19.48 9.74 -4.82
CA GLY C 68 -19.60 9.21 -3.48
C GLY C 68 -18.26 8.81 -2.89
N PRO C 69 -18.00 9.26 -1.66
CA PRO C 69 -16.70 8.99 -1.01
C PRO C 69 -16.50 7.51 -0.66
N GLU C 70 -15.22 7.14 -0.50
CA GLU C 70 -14.88 5.75 -0.23
C GLU C 70 -15.38 5.33 1.15
N ASN C 71 -15.69 4.05 1.28
CA ASN C 71 -16.27 3.47 2.50
C ASN C 71 -17.49 4.26 2.99
N THR C 72 -18.39 4.55 2.07
CA THR C 72 -19.76 4.95 2.33
C THR C 72 -20.66 4.13 1.41
N PRO C 73 -21.97 4.06 1.69
CA PRO C 73 -22.87 3.38 0.76
C PRO C 73 -22.88 4.02 -0.62
N TYR C 74 -22.38 5.25 -0.74
CA TYR C 74 -22.40 6.03 -1.97
C TYR C 74 -21.15 5.84 -2.81
N GLU C 75 -20.20 5.02 -2.34
CA GLU C 75 -18.87 4.97 -2.91
C GLU C 75 -18.88 4.78 -4.42
N ASP C 76 -18.17 5.68 -5.11
CA ASP C 76 -17.88 5.66 -6.54
C ASP C 76 -19.10 6.00 -7.40
N ALA C 77 -20.25 6.34 -6.80
CA ALA C 77 -21.46 6.63 -7.56
C ALA C 77 -21.62 8.13 -7.78
N PRO C 78 -22.38 8.54 -8.82
CA PRO C 78 -22.46 9.96 -9.17
C PRO C 78 -23.75 10.61 -8.68
N PHE C 79 -23.67 11.77 -8.03
CA PHE C 79 -24.85 12.43 -7.48
C PHE C 79 -24.92 13.85 -8.03
N VAL C 80 -25.97 14.12 -8.80
CA VAL C 80 -26.13 15.35 -9.56
C VAL C 80 -27.16 16.23 -8.88
N ILE C 81 -26.81 17.49 -8.68
CA ILE C 81 -27.73 18.50 -8.19
C ILE C 81 -27.75 19.64 -9.19
N ASP C 82 -28.95 20.07 -9.58
CA ASP C 82 -29.09 21.22 -10.45
C ASP C 82 -29.45 22.40 -9.57
N TRP C 83 -28.91 23.57 -9.91
CA TRP C 83 -29.02 24.75 -9.06
C TRP C 83 -29.64 25.91 -9.83
N MET C 84 -30.46 26.70 -9.12
CA MET C 84 -30.94 28.00 -9.56
C MET C 84 -30.60 29.09 -8.54
N LEU C 85 -30.12 30.22 -9.04
CA LEU C 85 -29.93 31.43 -8.26
C LEU C 85 -31.04 32.41 -8.65
N ASP C 86 -31.95 32.68 -7.71
CA ASP C 86 -33.11 33.53 -8.02
C ASP C 86 -32.71 35.00 -8.02
N ALA C 87 -33.71 35.88 -8.19
CA ALA C 87 -33.45 37.30 -8.44
C ALA C 87 -32.79 37.99 -7.25
N ASN C 88 -33.00 37.48 -6.03
CA ASN C 88 -32.39 38.06 -4.84
C ASN C 88 -31.07 37.40 -4.42
N PHE C 89 -30.50 36.50 -5.23
CA PHE C 89 -29.19 35.94 -4.89
C PHE C 89 -28.15 37.06 -4.85
N PRO C 90 -27.26 37.10 -3.84
CA PRO C 90 -27.05 36.12 -2.76
C PRO C 90 -27.70 36.39 -1.41
N GLN C 91 -28.67 37.32 -1.29
CA GLN C 91 -29.36 37.40 -0.01
C GLN C 91 -30.20 36.16 0.23
N THR C 92 -30.74 35.55 -0.84
CA THR C 92 -31.40 34.27 -0.74
C THR C 92 -30.41 33.14 -0.99
N PRO C 93 -30.67 31.97 -0.41
CA PRO C 93 -29.79 30.81 -0.67
C PRO C 93 -29.95 30.31 -2.09
N PRO C 94 -28.92 29.63 -2.64
CA PRO C 94 -29.11 28.92 -3.90
C PRO C 94 -30.16 27.84 -3.72
N ILE C 95 -30.91 27.57 -4.79
CA ILE C 95 -31.99 26.59 -4.80
C ILE C 95 -31.50 25.30 -5.45
N ALA C 96 -31.70 24.17 -4.78
CA ALA C 96 -31.19 22.88 -5.23
C ALA C 96 -32.32 21.97 -5.71
N HIS C 97 -32.02 21.21 -6.76
CA HIS C 97 -32.89 20.14 -7.21
C HIS C 97 -31.99 18.92 -7.45
N PHE C 98 -32.03 17.99 -6.50
CA PHE C 98 -31.28 16.73 -6.62
C PHE C 98 -31.94 15.79 -7.60
N LEU C 99 -31.15 15.22 -8.53
CA LEU C 99 -31.65 14.23 -9.49
C LEU C 99 -31.64 12.87 -8.82
N SER C 100 -32.79 12.45 -8.31
CA SER C 100 -32.91 11.20 -7.57
C SER C 100 -33.19 10.09 -8.58
N TRP C 101 -32.14 9.38 -8.98
CA TRP C 101 -32.25 8.28 -9.94
C TRP C 101 -32.58 6.98 -9.23
N THR C 102 -33.72 7.00 -8.58
CA THR C 102 -33.95 6.14 -7.45
C THR C 102 -35.26 5.35 -7.62
N ASN C 103 -35.97 5.55 -8.73
CA ASN C 103 -37.24 4.88 -9.08
C ASN C 103 -38.27 5.28 -8.03
N GLY C 104 -39.10 4.37 -7.52
CA GLY C 104 -39.92 4.65 -6.36
C GLY C 104 -39.40 4.01 -5.11
N ASN C 105 -38.16 3.54 -5.13
CA ASN C 105 -37.60 2.60 -4.16
C ASN C 105 -37.19 3.27 -2.84
N GLY C 106 -37.67 4.48 -2.56
CA GLY C 106 -37.27 5.20 -1.36
C GLY C 106 -36.12 6.14 -1.63
N ARG C 107 -35.75 6.90 -0.59
CA ARG C 107 -34.66 7.85 -0.70
C ARG C 107 -33.31 7.17 -0.56
N VAL C 108 -32.31 7.72 -1.25
CA VAL C 108 -30.94 7.24 -1.13
C VAL C 108 -30.22 7.83 0.08
N ASN C 109 -30.82 8.81 0.75
CA ASN C 109 -30.29 9.48 1.93
C ASN C 109 -31.45 10.24 2.55
N PRO C 110 -31.55 10.35 3.88
CA PRO C 110 -32.75 10.99 4.47
C PRO C 110 -32.94 12.44 4.06
N ASN C 111 -31.90 13.14 3.65
CA ASN C 111 -31.99 14.56 3.30
C ASN C 111 -31.94 14.79 1.79
N LEU C 112 -31.99 13.74 0.97
CA LEU C 112 -32.12 13.90 -0.47
C LEU C 112 -33.43 13.23 -0.87
N TYR C 113 -34.48 14.04 -0.99
CA TYR C 113 -35.80 13.53 -1.32
C TYR C 113 -35.86 13.05 -2.76
N GLU C 114 -36.71 12.04 -2.99
CA GLU C 114 -36.92 11.49 -4.33
C GLU C 114 -37.39 12.56 -5.32
N GLU C 115 -38.25 13.48 -4.86
CA GLU C 115 -38.72 14.52 -5.76
C GLU C 115 -37.72 15.67 -5.95
N GLY C 116 -36.59 15.67 -5.24
CA GLY C 116 -35.52 16.60 -5.55
C GLY C 116 -35.14 17.56 -4.45
N LYS C 117 -35.89 17.65 -3.36
CA LYS C 117 -35.57 18.55 -2.26
C LYS C 117 -34.31 18.11 -1.54
N VAL C 118 -33.41 19.06 -1.31
CA VAL C 118 -32.23 18.86 -0.48
C VAL C 118 -32.50 19.56 0.85
N CYS C 119 -32.50 18.78 1.95
CA CYS C 119 -32.83 19.32 3.27
C CYS C 119 -31.54 19.63 4.03
N LEU C 120 -31.11 20.89 3.99
CA LEU C 120 -29.92 21.36 4.71
C LEU C 120 -30.14 22.79 5.20
N SER C 121 -29.53 23.11 6.35
CA SER C 121 -29.58 24.49 6.85
C SER C 121 -29.01 25.47 5.84
N ILE C 122 -27.86 25.15 5.26
CA ILE C 122 -27.17 26.07 4.37
C ILE C 122 -28.03 26.45 3.16
N LEU C 123 -29.04 25.65 2.83
CA LEU C 123 -29.97 25.95 1.75
C LEU C 123 -31.26 26.58 2.24
N GLY C 124 -31.38 26.86 3.54
CA GLY C 124 -32.61 27.41 4.09
C GLY C 124 -33.70 26.38 4.33
N THR C 125 -33.35 25.15 4.65
CA THR C 125 -34.37 24.12 4.78
C THR C 125 -33.98 23.07 5.83
N TRP C 126 -33.59 23.53 7.02
CA TRP C 126 -33.46 22.67 8.19
C TRP C 126 -32.99 23.47 9.41
N ALA C 127 -33.21 22.87 10.58
CA ALA C 127 -32.94 23.49 11.88
C ALA C 127 -31.96 22.70 12.74
N GLY C 128 -31.56 21.49 12.32
CA GLY C 128 -30.79 20.58 13.14
C GLY C 128 -29.45 20.14 12.60
N ASP C 129 -29.36 19.81 11.30
CA ASP C 129 -28.09 19.39 10.69
C ASP C 129 -27.02 20.46 10.90
N LYS C 130 -25.75 20.05 10.71
CA LYS C 130 -24.62 20.86 11.13
C LYS C 130 -24.21 21.95 10.13
N SER C 131 -24.74 21.96 8.92
CA SER C 131 -24.31 22.96 7.95
C SER C 131 -24.76 24.35 8.39
N GLU C 132 -23.96 25.35 8.02
CA GLU C 132 -24.22 26.71 8.48
C GLU C 132 -25.27 27.37 7.60
N SER C 133 -26.31 27.91 8.25
CA SER C 133 -27.38 28.59 7.53
C SER C 133 -26.83 29.70 6.63
N TRP C 134 -27.57 30.00 5.57
CA TRP C 134 -27.11 30.88 4.51
C TRP C 134 -27.16 32.34 4.95
N SER C 135 -26.11 33.07 4.63
CA SER C 135 -26.07 34.52 4.80
C SER C 135 -25.10 35.09 3.77
N ALA C 136 -25.56 36.06 2.98
CA ALA C 136 -24.80 36.53 1.83
C ALA C 136 -23.37 36.86 2.20
N SER C 137 -23.14 37.40 3.40
CA SER C 137 -21.85 37.96 3.74
C SER C 137 -20.80 36.93 4.07
N ARG C 138 -21.18 35.68 4.36
CA ARG C 138 -20.21 34.66 4.74
C ARG C 138 -20.38 33.33 4.02
N SER C 139 -21.42 33.14 3.23
CA SER C 139 -21.72 31.85 2.61
C SER C 139 -21.26 31.83 1.15
N SER C 140 -21.20 30.63 0.58
CA SER C 140 -20.79 30.51 -0.81
C SER C 140 -21.31 29.22 -1.41
N LEU C 141 -21.31 29.17 -2.75
CA LEU C 141 -21.72 27.98 -3.46
C LEU C 141 -20.73 26.85 -3.20
N LEU C 142 -19.44 27.19 -3.14
CA LEU C 142 -18.41 26.23 -2.71
C LEU C 142 -18.76 25.61 -1.36
N GLN C 143 -19.15 26.44 -0.39
CA GLN C 143 -19.40 25.93 0.95
C GLN C 143 -20.64 25.03 0.97
N ALA C 144 -21.67 25.38 0.19
CA ALA C 144 -22.82 24.49 0.09
C ALA C 144 -22.43 23.13 -0.50
N LEU C 145 -21.52 23.14 -1.48
CA LEU C 145 -21.19 21.88 -2.17
C LEU C 145 -20.33 20.99 -1.29
N VAL C 146 -19.30 21.55 -0.64
CA VAL C 146 -18.50 20.66 0.22
C VAL C 146 -19.30 20.25 1.45
N SER C 147 -20.31 21.04 1.82
CA SER C 147 -21.21 20.64 2.89
C SER C 147 -22.03 19.41 2.50
N ILE C 148 -22.48 19.34 1.25
CA ILE C 148 -23.23 18.17 0.83
C ILE C 148 -22.31 16.95 0.85
N GLN C 149 -21.10 17.10 0.33
CA GLN C 149 -20.20 15.95 0.33
C GLN C 149 -19.89 15.52 1.76
N GLY C 150 -19.49 16.47 2.61
CA GLY C 150 -19.01 16.13 3.94
C GLY C 150 -20.09 15.74 4.94
N LEU C 151 -21.33 16.22 4.75
CA LEU C 151 -22.40 16.02 5.72
C LEU C 151 -23.53 15.12 5.23
N VAL C 152 -23.74 14.99 3.94
CA VAL C 152 -24.82 14.15 3.41
C VAL C 152 -24.30 12.78 2.98
N LEU C 153 -23.23 12.76 2.17
CA LEU C 153 -22.71 11.51 1.62
C LEU C 153 -21.69 10.90 2.58
N VAL C 154 -22.22 10.41 3.71
CA VAL C 154 -21.36 9.98 4.81
C VAL C 154 -21.42 8.46 5.01
N LYS C 155 -20.70 7.98 6.01
CA LYS C 155 -20.58 6.53 6.22
C LYS C 155 -21.87 5.94 6.77
N GLU C 156 -22.56 6.67 7.64
CA GLU C 156 -23.76 6.17 8.31
C GLU C 156 -24.90 7.18 8.15
N PRO C 157 -25.48 7.26 6.95
CA PRO C 157 -26.50 8.32 6.69
C PRO C 157 -27.81 8.11 7.43
N TRP C 158 -27.99 6.99 8.12
CA TRP C 158 -29.23 6.85 8.90
C TRP C 158 -29.25 7.80 10.09
N PHE C 159 -28.06 8.20 10.57
CA PHE C 159 -27.90 9.19 11.62
C PHE C 159 -27.80 10.62 11.07
N CYS C 160 -28.30 10.84 9.84
CA CYS C 160 -28.40 12.16 9.24
C CYS C 160 -29.61 12.92 9.75
N GLU C 161 -29.86 12.86 11.07
CA GLU C 161 -31.01 13.43 11.72
C GLU C 161 -30.58 13.78 13.14
N PRO C 162 -30.85 15.00 13.61
CA PRO C 162 -30.43 15.37 14.97
C PRO C 162 -30.98 14.45 16.04
N ALA C 163 -32.23 14.01 15.89
CA ALA C 163 -32.85 13.12 16.88
C ALA C 163 -32.09 11.81 16.98
N TYR C 164 -31.87 11.15 15.84
CA TYR C 164 -31.24 9.84 15.80
C TYR C 164 -29.80 9.85 16.28
N GLU C 165 -29.26 10.99 16.69
CA GLU C 165 -27.85 11.05 17.09
C GLU C 165 -27.60 10.29 18.38
N LYS C 166 -28.54 10.32 19.33
CA LYS C 166 -28.34 9.59 20.58
C LYS C 166 -28.36 8.08 20.36
N LEU C 167 -28.90 7.63 19.23
CA LEU C 167 -29.03 6.20 18.93
C LEU C 167 -27.75 5.60 18.36
N ARG C 168 -26.68 6.39 18.21
CA ARG C 168 -25.43 5.92 17.63
C ARG C 168 -24.59 5.17 18.67
N GLY C 169 -25.13 4.04 19.11
CA GLY C 169 -24.45 3.17 20.05
C GLY C 169 -25.35 2.05 20.52
N THR C 170 -26.65 2.20 20.27
CA THR C 170 -27.65 1.27 20.76
C THR C 170 -27.76 0.05 19.85
N GLU C 171 -28.44 -0.98 20.35
CA GLU C 171 -28.61 -2.22 19.59
C GLU C 171 -29.54 -2.01 18.40
N ASP C 172 -30.62 -1.23 18.59
CA ASP C 172 -31.56 -0.98 17.50
C ASP C 172 -31.01 0.04 16.52
N GLY C 173 -30.15 0.95 16.97
CA GLY C 173 -29.53 1.89 16.05
C GLY C 173 -28.55 1.23 15.12
N ILE C 174 -27.72 0.32 15.64
CA ILE C 174 -26.70 -0.33 14.81
C ILE C 174 -27.37 -1.15 13.71
N VAL C 175 -28.36 -1.98 14.06
CA VAL C 175 -28.99 -2.84 13.07
C VAL C 175 -29.71 -2.01 12.02
N ASN C 176 -30.27 -0.86 12.43
CA ASN C 176 -31.02 -0.03 11.49
C ASN C 176 -30.08 0.71 10.54
N SER C 177 -28.96 1.19 11.05
CA SER C 177 -27.90 1.73 10.20
C SER C 177 -27.45 0.72 9.15
N ARG C 178 -27.17 -0.51 9.58
CA ARG C 178 -26.77 -1.57 8.65
C ARG C 178 -27.80 -1.75 7.56
N LEU C 179 -29.06 -1.98 7.95
CA LEU C 179 -30.12 -2.17 6.98
C LEU C 179 -30.24 -0.96 6.05
N TYR C 180 -30.06 0.24 6.57
CA TYR C 180 -30.18 1.43 5.74
C TYR C 180 -29.05 1.50 4.73
N ASN C 181 -27.81 1.22 5.16
CA ASN C 181 -26.68 1.28 4.23
C ASN C 181 -26.83 0.26 3.11
N GLU C 182 -27.37 -0.92 3.41
CA GLU C 182 -27.65 -1.87 2.34
C GLU C 182 -28.59 -1.29 1.29
N LYS C 183 -29.69 -0.66 1.72
CA LYS C 183 -30.62 -0.09 0.75
C LYS C 183 -29.97 1.06 -0.02
N ALA C 184 -29.25 1.91 0.69
CA ALA C 184 -28.56 3.03 0.06
C ALA C 184 -27.50 2.54 -0.93
N TYR C 185 -26.77 1.48 -0.58
CA TYR C 185 -25.72 0.99 -1.48
C TYR C 185 -26.33 0.45 -2.76
N VAL C 186 -27.38 -0.35 -2.66
CA VAL C 186 -28.01 -0.90 -3.86
C VAL C 186 -28.61 0.22 -4.72
N LEU C 187 -29.30 1.17 -4.09
CA LEU C 187 -29.83 2.31 -4.84
C LEU C 187 -28.72 3.12 -5.52
N SER C 188 -27.60 3.32 -4.82
CA SER C 188 -26.48 4.09 -5.39
C SER C 188 -25.92 3.43 -6.64
N ARG C 189 -25.91 2.09 -6.71
CA ARG C 189 -25.42 1.44 -7.93
C ARG C 189 -26.32 1.76 -9.11
N GLY C 190 -27.61 1.95 -8.86
CA GLY C 190 -28.50 2.41 -9.91
C GLY C 190 -28.17 3.80 -10.42
N PHE C 191 -27.56 4.64 -9.57
CA PHE C 191 -27.16 5.97 -10.04
C PHE C 191 -26.05 5.87 -11.08
N VAL C 192 -25.14 4.90 -10.92
CA VAL C 192 -24.11 4.69 -11.93
C VAL C 192 -24.79 4.29 -13.24
N ARG C 193 -25.73 3.36 -13.14
CA ARG C 193 -26.46 2.91 -14.32
C ARG C 193 -27.14 4.07 -15.05
N ARG C 194 -27.88 4.90 -14.32
CA ARG C 194 -28.64 5.96 -14.98
C ARG C 194 -27.70 7.00 -15.60
N ALA C 195 -26.57 7.28 -14.95
CA ALA C 195 -25.65 8.28 -15.47
C ALA C 195 -25.00 7.86 -16.78
N LEU C 196 -24.86 6.55 -17.03
CA LEU C 196 -24.22 6.12 -18.26
C LEU C 196 -25.22 5.69 -19.33
N GLU C 197 -26.42 5.26 -18.94
CA GLU C 197 -27.40 4.80 -19.94
C GLU C 197 -27.95 5.98 -20.75
N ILE C 198 -28.14 7.13 -20.11
CA ILE C 198 -28.75 8.29 -20.74
C ILE C 198 -27.75 9.43 -20.65
N PRO C 199 -27.46 10.15 -21.75
CA PRO C 199 -26.46 11.22 -21.71
C PRO C 199 -26.84 12.33 -20.74
N LEU C 200 -25.94 12.63 -19.81
CA LEU C 200 -26.18 13.72 -18.87
C LEU C 200 -25.59 15.00 -19.45
N GLY C 201 -26.45 15.99 -19.67
CA GLY C 201 -26.06 17.19 -20.39
C GLY C 201 -24.85 17.89 -19.79
N GLY C 202 -23.80 18.06 -20.60
CA GLY C 202 -22.61 18.76 -20.16
C GLY C 202 -21.59 17.92 -19.44
N LEU C 203 -21.95 16.68 -19.05
CA LEU C 203 -21.05 15.83 -18.27
C LEU C 203 -20.84 14.47 -18.92
N GLU C 204 -21.28 14.29 -20.17
CA GLU C 204 -21.20 12.97 -20.80
C GLU C 204 -19.77 12.47 -20.89
N GLU C 205 -18.87 13.33 -21.40
CA GLU C 205 -17.50 12.87 -21.59
C GLU C 205 -16.80 12.63 -20.26
N GLU C 206 -17.09 13.47 -19.26
CA GLU C 206 -16.51 13.29 -17.93
C GLU C 206 -16.94 11.96 -17.32
N LEU C 207 -18.23 11.62 -17.40
CA LEU C 207 -18.69 10.35 -16.85
C LEU C 207 -18.09 9.17 -17.59
N ARG C 208 -17.96 9.29 -18.91
CA ARG C 208 -17.37 8.19 -19.68
C ARG C 208 -15.89 8.02 -19.34
N TRP C 209 -15.16 9.13 -19.23
CA TRP C 209 -13.76 9.04 -18.82
C TRP C 209 -13.64 8.40 -17.44
N PHE C 210 -14.50 8.80 -16.50
CA PHE C 210 -14.41 8.30 -15.13
C PHE C 210 -14.75 6.80 -15.06
N TYR C 211 -15.89 6.40 -15.63
CA TYR C 211 -16.33 5.01 -15.44
C TYR C 211 -15.67 4.06 -16.41
N HIS C 212 -15.38 4.48 -17.63
CA HIS C 212 -14.74 3.61 -18.61
C HIS C 212 -13.22 3.78 -18.63
N THR C 213 -12.73 4.97 -19.01
CA THR C 213 -11.30 5.13 -19.23
C THR C 213 -10.50 4.98 -17.94
N SER C 214 -10.97 5.55 -16.84
CA SER C 214 -10.26 5.50 -15.57
C SER C 214 -10.57 4.23 -14.77
N GLY C 215 -11.47 3.38 -15.28
CA GLY C 215 -11.66 2.06 -14.71
C GLY C 215 -12.63 1.96 -13.55
N LYS C 216 -13.42 3.01 -13.30
CA LYS C 216 -14.25 2.94 -12.10
C LYS C 216 -15.46 2.04 -12.25
N LEU C 217 -15.98 1.85 -13.47
CA LEU C 217 -17.07 0.88 -13.67
C LEU C 217 -16.61 -0.54 -13.33
N ARG C 218 -15.40 -0.90 -13.75
CA ARG C 218 -14.85 -2.19 -13.31
C ARG C 218 -14.78 -2.27 -11.80
N LYS C 219 -14.44 -1.16 -11.14
CA LYS C 219 -14.34 -1.18 -9.68
C LYS C 219 -15.71 -1.38 -9.05
N VAL C 220 -16.72 -0.65 -9.53
CA VAL C 220 -18.08 -0.80 -9.02
C VAL C 220 -18.57 -2.23 -9.20
N LEU C 221 -18.35 -2.79 -10.38
CA LEU C 221 -18.74 -4.18 -10.63
C LEU C 221 -18.00 -5.15 -9.71
N GLY C 222 -16.68 -4.97 -9.59
CA GLY C 222 -15.90 -5.92 -8.78
C GLY C 222 -16.25 -5.83 -7.31
N ASP C 223 -16.47 -4.60 -6.83
CA ASP C 223 -16.85 -4.42 -5.43
C ASP C 223 -18.19 -5.08 -5.14
N ALA C 224 -19.17 -4.91 -6.04
CA ALA C 224 -20.49 -5.49 -5.84
C ALA C 224 -20.42 -7.01 -5.82
N ARG C 225 -19.68 -7.60 -6.76
CA ARG C 225 -19.61 -9.07 -6.83
C ARG C 225 -18.85 -9.64 -5.64
N ALA C 226 -17.83 -8.93 -5.16
CA ALA C 226 -17.16 -9.35 -3.94
C ALA C 226 -18.12 -9.35 -2.76
N LEU C 227 -18.97 -8.32 -2.69
CA LEU C 227 -19.91 -8.21 -1.59
C LEU C 227 -20.95 -9.34 -1.62
N ILE C 228 -21.38 -9.76 -2.81
CA ILE C 228 -22.32 -10.87 -2.93
C ILE C 228 -21.69 -12.16 -2.39
N VAL C 229 -20.43 -12.40 -2.73
CA VAL C 229 -19.76 -13.60 -2.20
C VAL C 229 -19.74 -13.57 -0.67
N LYS C 230 -19.30 -12.43 -0.09
CA LYS C 230 -19.22 -12.31 1.37
C LYS C 230 -20.58 -12.48 2.02
N SER C 231 -21.63 -11.93 1.40
CA SER C 231 -22.98 -12.00 1.95
C SER C 231 -23.51 -13.42 1.96
N THR C 232 -23.05 -14.26 1.02
CA THR C 232 -23.38 -15.67 1.03
C THR C 232 -22.58 -16.42 2.10
N ALA C 233 -21.33 -16.06 2.30
CA ALA C 233 -20.50 -16.75 3.29
C ALA C 233 -21.04 -16.58 4.70
N THR C 234 -21.70 -15.47 5.00
CA THR C 234 -22.20 -15.17 6.34
C THR C 234 -23.72 -15.14 6.37
N GLN C 235 -24.39 -15.83 5.44
CA GLN C 235 -25.83 -15.74 5.33
C GLN C 235 -26.53 -16.22 6.60
N GLY C 236 -25.95 -17.21 7.28
CA GLY C 236 -26.54 -17.76 8.49
C GLY C 236 -26.00 -17.16 9.76
N ASP C 237 -24.76 -16.67 9.73
CA ASP C 237 -24.16 -16.06 10.90
C ASP C 237 -24.95 -14.81 11.31
N ALA C 238 -25.32 -14.73 12.59
CA ALA C 238 -26.08 -13.58 13.06
C ALA C 238 -25.18 -12.37 13.26
N GLU C 239 -23.97 -12.57 13.77
CA GLU C 239 -23.07 -11.47 14.10
C GLU C 239 -22.20 -11.10 12.89
N VAL C 240 -22.01 -9.82 12.69
CA VAL C 240 -21.09 -9.34 11.64
C VAL C 240 -19.67 -9.74 12.01
N PRO C 241 -18.88 -10.24 11.07
CA PRO C 241 -17.50 -10.64 11.38
C PRO C 241 -16.69 -9.47 11.93
N GLU C 242 -15.54 -9.81 12.50
CA GLU C 242 -14.68 -8.79 13.12
C GLU C 242 -14.02 -7.89 12.09
N ALA C 243 -13.47 -8.50 11.04
CA ALA C 243 -12.75 -7.71 10.02
C ALA C 243 -13.69 -6.83 9.22
N ASP C 244 -14.96 -7.23 9.08
CA ASP C 244 -15.91 -6.47 8.27
C ASP C 244 -16.67 -5.41 9.06
N ARG C 245 -16.71 -5.48 10.39
CA ARG C 245 -17.16 -4.34 11.16
C ARG C 245 -16.22 -3.17 10.90
N GLU C 246 -16.80 -1.97 10.78
CA GLU C 246 -16.21 -0.71 10.33
C GLU C 246 -16.32 -0.53 8.82
N ARG C 247 -16.79 -1.52 8.08
CA ARG C 247 -17.22 -1.31 6.71
C ARG C 247 -18.58 -0.63 6.70
N ALA C 248 -18.75 0.30 5.77
CA ALA C 248 -20.05 0.95 5.61
C ALA C 248 -21.12 -0.06 5.21
N VAL C 249 -20.79 -0.96 4.29
CA VAL C 249 -21.71 -1.99 3.81
C VAL C 249 -21.02 -3.34 3.98
N PRO C 250 -21.27 -4.03 5.09
CA PRO C 250 -20.50 -5.26 5.35
C PRO C 250 -21.10 -6.48 4.67
N ARG C 251 -22.41 -6.47 4.45
CA ARG C 251 -23.20 -7.65 4.09
C ARG C 251 -24.50 -7.17 3.45
N LEU C 252 -25.05 -8.00 2.56
CA LEU C 252 -26.35 -7.75 1.96
C LEU C 252 -27.30 -8.90 2.24
N SER C 253 -28.54 -8.57 2.59
CA SER C 253 -29.60 -9.55 2.74
C SER C 253 -29.89 -10.20 1.39
N SER C 254 -30.64 -11.32 1.42
CA SER C 254 -30.93 -12.03 0.18
C SER C 254 -31.73 -11.15 -0.77
N GLY C 255 -32.65 -10.34 -0.25
CA GLY C 255 -33.39 -9.42 -1.10
C GLY C 255 -32.50 -8.35 -1.70
N GLY C 256 -31.55 -7.83 -0.92
CA GLY C 256 -30.62 -6.86 -1.45
C GLY C 256 -29.71 -7.43 -2.54
N ILE C 257 -29.32 -8.70 -2.40
CA ILE C 257 -28.49 -9.34 -3.43
C ILE C 257 -29.27 -9.45 -4.74
N ILE C 258 -30.53 -9.88 -4.68
CA ILE C 258 -31.32 -9.99 -5.90
C ILE C 258 -31.46 -8.63 -6.57
N ALA C 259 -31.78 -7.61 -5.78
CA ALA C 259 -31.93 -6.27 -6.34
C ALA C 259 -30.63 -5.80 -6.97
N LEU C 260 -29.51 -6.03 -6.27
CA LEU C 260 -28.22 -5.60 -6.80
C LEU C 260 -27.88 -6.35 -8.08
N GLU C 261 -28.21 -7.65 -8.15
CA GLU C 261 -27.90 -8.42 -9.36
C GLU C 261 -28.69 -7.93 -10.57
N ARG C 262 -29.91 -7.43 -10.37
CA ARG C 262 -30.64 -6.75 -11.43
C ARG C 262 -29.81 -5.59 -11.98
N THR C 263 -29.37 -4.70 -11.10
CA THR C 263 -28.60 -3.55 -11.54
C THR C 263 -27.26 -3.97 -12.15
N LEU C 264 -26.62 -4.98 -11.56
CA LEU C 264 -25.39 -5.48 -12.16
C LEU C 264 -25.60 -5.93 -13.61
N GLY C 265 -26.75 -6.56 -13.90
CA GLY C 265 -27.06 -6.89 -15.28
C GLY C 265 -26.98 -5.68 -16.20
N LYS C 266 -27.51 -4.54 -15.75
CA LYS C 266 -27.50 -3.36 -16.61
C LYS C 266 -26.11 -2.72 -16.66
N LEU C 267 -25.37 -2.75 -15.55
CA LEU C 267 -24.00 -2.22 -15.55
C LEU C 267 -23.08 -3.05 -16.46
N GLN C 268 -23.15 -4.39 -16.34
CA GLN C 268 -22.29 -5.23 -17.17
C GLN C 268 -22.65 -5.07 -18.64
N ALA C 269 -23.93 -4.84 -18.94
CA ALA C 269 -24.35 -4.56 -20.31
C ALA C 269 -23.68 -3.30 -20.85
N LEU C 270 -23.56 -2.27 -20.01
CA LEU C 270 -22.88 -1.05 -20.42
C LEU C 270 -21.39 -1.29 -20.68
N GLN C 271 -20.75 -2.15 -19.88
CA GLN C 271 -19.35 -2.43 -20.14
C GLN C 271 -19.19 -3.17 -21.47
N ASP C 272 -20.05 -4.14 -21.74
CA ASP C 272 -19.97 -4.90 -22.98
C ASP C 272 -20.15 -3.99 -24.20
N ALA C 273 -21.06 -3.01 -24.11
CA ALA C 273 -21.23 -2.09 -25.22
C ALA C 273 -19.98 -1.25 -25.45
N GLN C 274 -19.28 -0.87 -24.38
CA GLN C 274 -18.04 -0.13 -24.53
C GLN C 274 -16.95 -0.99 -25.14
N THR C 275 -16.86 -2.24 -24.69
CA THR C 275 -15.84 -3.16 -25.19
C THR C 275 -16.05 -3.45 -26.67
N ALA C 276 -17.31 -3.56 -27.08
CA ALA C 276 -17.64 -3.72 -28.50
C ALA C 276 -17.23 -2.50 -29.31
N THR C 277 -17.51 -1.30 -28.80
CA THR C 277 -17.07 -0.08 -29.47
C THR C 277 -15.56 -0.08 -29.65
N GLU C 278 -14.82 -0.41 -28.59
CA GLU C 278 -13.36 -0.49 -28.67
C GLU C 278 -12.91 -1.60 -29.62
N ALA C 279 -13.75 -2.61 -29.85
CA ALA C 279 -13.50 -3.62 -30.87
C ALA C 279 -14.00 -3.19 -32.25
N ASN C 280 -13.87 -1.90 -32.57
CA ASN C 280 -14.09 -1.41 -33.92
C ASN C 280 -12.81 -0.94 -34.60
N ALA C 281 -11.74 -0.74 -33.83
CA ALA C 281 -10.44 -0.36 -34.36
C ALA C 281 -9.66 -1.59 -34.84
N ASP D 1 21.34 15.02 -16.79
CA ASP D 1 21.78 14.96 -15.40
C ASP D 1 20.63 14.58 -14.48
N PRO D 2 20.94 14.16 -13.25
CA PRO D 2 19.89 13.81 -12.28
C PRO D 2 18.98 15.01 -12.02
N PRO D 3 17.67 14.81 -11.97
CA PRO D 3 16.75 15.94 -11.77
C PRO D 3 16.67 16.43 -10.32
N TRP D 4 17.12 15.62 -9.36
CA TRP D 4 17.01 15.96 -7.93
C TRP D 4 18.32 15.53 -7.25
N LYS D 5 19.38 16.30 -7.46
CA LYS D 5 20.68 15.96 -6.91
C LYS D 5 20.85 16.63 -5.55
N ARG D 6 21.20 15.85 -4.54
CA ARG D 6 21.16 16.38 -3.18
C ARG D 6 22.22 17.47 -2.98
N PHE D 7 23.44 17.21 -3.44
CA PHE D 7 24.52 18.19 -3.35
C PHE D 7 25.16 18.41 -4.70
N GLU D 8 25.44 19.68 -5.01
CA GLU D 8 26.04 20.05 -6.30
C GLU D 8 26.78 21.36 -6.15
N VAL D 9 27.90 21.49 -6.85
CA VAL D 9 28.60 22.76 -6.96
C VAL D 9 28.21 23.39 -8.29
N LEU D 10 27.49 24.50 -8.22
CA LEU D 10 27.16 25.24 -9.41
C LEU D 10 28.28 26.22 -9.74
N PRO D 11 28.38 26.69 -10.98
CA PRO D 11 29.51 27.56 -11.34
C PRO D 11 29.43 28.97 -10.77
N SER D 12 28.25 29.48 -10.39
CA SER D 12 28.16 30.86 -9.94
C SER D 12 26.99 31.05 -8.98
N ALA D 13 27.25 31.80 -7.91
CA ALA D 13 26.20 32.11 -6.95
C ALA D 13 25.11 32.96 -7.62
N PRO D 14 23.86 32.81 -7.19
CA PRO D 14 22.76 33.53 -7.86
C PRO D 14 22.59 34.96 -7.37
N VAL D 15 22.08 35.80 -8.26
CA VAL D 15 21.94 37.22 -7.96
C VAL D 15 20.97 37.44 -6.80
N ASP D 16 19.99 36.54 -6.65
CA ASP D 16 19.00 36.66 -5.58
C ASP D 16 19.47 36.06 -4.26
N HIS D 17 20.76 35.79 -4.09
CA HIS D 17 21.26 35.23 -2.84
C HIS D 17 21.27 36.31 -1.76
N ALA D 18 20.89 35.92 -0.54
CA ALA D 18 20.79 36.89 0.55
C ALA D 18 22.12 37.57 0.83
N PHE D 19 23.23 36.89 0.59
CA PHE D 19 24.55 37.47 0.82
C PHE D 19 25.26 37.78 -0.50
N TYR D 20 24.50 37.90 -1.59
CA TYR D 20 25.11 38.16 -2.89
C TYR D 20 25.81 39.50 -2.92
N ASN D 21 25.22 40.50 -2.26
CA ASN D 21 25.78 41.85 -2.16
C ASN D 21 26.49 42.04 -0.83
N THR D 22 27.33 41.08 -0.51
CA THR D 22 28.17 41.09 0.67
C THR D 22 29.54 40.57 0.25
N PRO D 23 30.55 41.41 0.14
CA PRO D 23 31.81 40.98 -0.45
C PRO D 23 32.53 40.00 0.47
N PRO D 24 33.16 38.98 -0.09
CA PRO D 24 33.85 37.99 0.75
C PRO D 24 35.11 38.57 1.36
N ALA D 25 35.42 38.13 2.57
CA ALA D 25 36.76 38.29 3.11
C ALA D 25 37.58 37.08 2.73
N GLN D 26 38.90 37.26 2.63
CA GLN D 26 39.79 36.16 2.32
C GLN D 26 39.76 35.13 3.45
N HIS D 27 39.82 33.86 3.07
CA HIS D 27 39.79 32.77 4.04
C HIS D 27 41.20 32.27 4.29
N THR D 28 41.32 31.43 5.33
CA THR D 28 42.60 30.83 5.67
C THR D 28 43.02 29.80 4.62
N ARG D 29 44.31 29.45 4.65
CA ARG D 29 44.85 28.52 3.67
C ARG D 29 44.23 27.13 3.77
N GLN D 30 43.65 26.80 4.92
CA GLN D 30 43.06 25.50 5.19
C GLN D 30 41.58 25.45 4.84
N PHE D 31 41.00 26.56 4.38
CA PHE D 31 39.56 26.65 4.20
C PHE D 31 39.08 25.73 3.09
N MET D 32 39.78 25.68 1.96
CA MET D 32 39.33 24.82 0.87
C MET D 32 39.47 23.34 1.22
N ALA D 33 40.46 22.98 2.05
CA ALA D 33 40.56 21.60 2.52
C ALA D 33 39.40 21.26 3.45
N ARG D 34 38.97 22.21 4.29
CA ARG D 34 37.82 21.96 5.14
C ARG D 34 36.54 21.86 4.31
N MET D 35 36.41 22.68 3.27
CA MET D 35 35.20 22.64 2.46
C MET D 35 35.08 21.32 1.73
N SER D 36 36.22 20.76 1.28
CA SER D 36 36.22 19.42 0.70
C SER D 36 35.65 18.40 1.68
N LYS D 37 35.99 18.51 2.96
CA LYS D 37 35.43 17.60 3.95
C LYS D 37 33.95 17.85 4.17
N GLU D 38 33.55 19.12 4.17
CA GLU D 38 32.14 19.48 4.29
C GLU D 38 31.32 18.96 3.11
N TYR D 39 31.86 19.07 1.89
CA TYR D 39 31.15 18.60 0.70
C TYR D 39 30.94 17.09 0.73
N LYS D 40 31.97 16.32 1.09
CA LYS D 40 31.82 14.86 1.13
C LYS D 40 30.84 14.42 2.22
N ALA D 41 30.75 15.17 3.34
CA ALA D 41 29.73 14.86 4.35
C ALA D 41 28.33 15.14 3.82
N LEU D 42 28.16 16.22 3.06
CA LEU D 42 26.85 16.50 2.47
C LEU D 42 26.50 15.45 1.43
N GLN D 43 27.49 15.09 0.60
CA GLN D 43 27.28 14.06 -0.41
C GLN D 43 26.89 12.73 0.22
N SER D 44 27.49 12.38 1.37
CA SER D 44 27.25 11.05 1.92
C SER D 44 25.93 10.95 2.67
N SER D 45 25.46 12.04 3.28
CA SER D 45 24.52 11.90 4.38
C SER D 45 23.29 12.79 4.31
N LEU D 46 23.25 13.76 3.41
CA LEU D 46 22.03 14.54 3.23
C LEU D 46 20.88 13.61 2.86
N PRO D 47 19.73 13.71 3.52
CA PRO D 47 18.54 12.97 3.08
C PRO D 47 17.97 13.57 1.80
N ASP D 48 17.06 12.82 1.16
CA ASP D 48 16.42 13.29 -0.07
C ASP D 48 15.64 14.58 0.16
N SER D 49 15.25 14.83 1.41
CA SER D 49 14.48 16.01 1.76
C SER D 49 15.32 17.30 1.80
N ILE D 50 16.63 17.25 1.58
CA ILE D 50 17.45 18.44 1.70
C ILE D 50 18.37 18.56 0.48
N LEU D 51 18.31 19.70 -0.19
CA LEU D 51 19.18 20.05 -1.30
C LEU D 51 20.15 21.13 -0.82
N VAL D 52 21.43 21.03 -1.22
CA VAL D 52 22.44 22.05 -0.94
C VAL D 52 23.17 22.37 -2.24
N ARG D 53 23.30 23.66 -2.52
CA ARG D 53 24.03 24.15 -3.68
C ARG D 53 25.21 25.01 -3.21
N ALA D 54 26.38 24.76 -3.79
CA ALA D 54 27.59 25.54 -3.58
C ALA D 54 28.03 26.12 -4.92
N TYR D 55 29.01 27.01 -4.87
CA TYR D 55 29.41 27.75 -6.06
C TYR D 55 30.92 27.80 -6.19
N GLU D 56 31.38 27.87 -7.44
CA GLU D 56 32.80 27.98 -7.77
C GLU D 56 33.31 29.41 -7.59
N ASP D 57 32.55 30.41 -8.04
CA ASP D 57 33.04 31.79 -7.95
C ASP D 57 32.93 32.37 -6.55
N ARG D 58 31.88 32.02 -5.80
CA ARG D 58 31.72 32.47 -4.42
C ARG D 58 31.74 31.22 -3.53
N THR D 59 32.95 30.81 -3.13
CA THR D 59 33.09 29.60 -2.33
C THR D 59 32.70 29.80 -0.87
N ASP D 60 32.27 31.00 -0.49
CA ASP D 60 31.79 31.28 0.85
C ASP D 60 30.27 31.18 0.98
N LEU D 61 29.54 30.96 -0.11
CA LEU D 61 28.08 31.00 -0.04
C LEU D 61 27.49 29.64 -0.39
N LEU D 62 26.36 29.34 0.24
CA LEU D 62 25.62 28.12 -0.07
C LEU D 62 24.13 28.40 0.05
N ARG D 63 23.35 27.57 -0.63
CA ARG D 63 21.89 27.68 -0.59
C ARG D 63 21.33 26.31 -0.28
N SER D 64 20.43 26.22 0.69
CA SER D 64 19.79 24.96 1.04
C SER D 64 18.28 25.05 0.91
N LEU D 65 17.69 23.91 0.56
CA LEU D 65 16.25 23.77 0.38
C LEU D 65 15.83 22.53 1.15
N ILE D 66 14.95 22.70 2.14
CA ILE D 66 14.41 21.60 2.93
C ILE D 66 12.93 21.45 2.59
N ILE D 67 12.50 20.22 2.29
CA ILE D 67 11.09 19.94 2.06
C ILE D 67 10.44 19.57 3.39
N GLY D 68 9.31 20.22 3.71
CA GLY D 68 8.61 19.97 4.95
C GLY D 68 8.23 18.50 5.11
N PRO D 69 8.54 17.93 6.29
CA PRO D 69 8.29 16.51 6.51
C PRO D 69 6.81 16.15 6.55
N GLU D 70 6.56 14.87 6.32
CA GLU D 70 5.20 14.32 6.34
C GLU D 70 4.58 14.43 7.72
N ASN D 71 3.27 14.70 7.76
CA ASN D 71 2.50 14.84 8.99
C ASN D 71 3.06 15.95 9.88
N THR D 72 3.44 17.06 9.26
CA THR D 72 3.77 18.29 9.96
C THR D 72 3.04 19.43 9.27
N PRO D 73 2.86 20.57 9.95
CA PRO D 73 2.25 21.74 9.28
C PRO D 73 3.01 22.15 8.03
N TYR D 74 4.27 21.74 7.91
CA TYR D 74 5.18 22.11 6.83
C TYR D 74 5.10 21.15 5.65
N GLU D 75 4.28 20.12 5.74
CA GLU D 75 4.39 18.98 4.83
C GLU D 75 4.39 19.41 3.37
N ASP D 76 5.42 18.98 2.64
CA ASP D 76 5.63 19.18 1.21
C ASP D 76 6.01 20.60 0.81
N ALA D 77 6.16 21.51 1.77
CA ALA D 77 6.44 22.88 1.37
C ALA D 77 7.96 23.08 1.33
N PRO D 78 8.45 24.09 0.56
CA PRO D 78 9.89 24.35 0.46
C PRO D 78 10.41 25.42 1.41
N PHE D 79 11.49 25.12 2.15
CA PHE D 79 12.03 26.10 3.09
C PHE D 79 13.49 26.34 2.73
N VAL D 80 13.83 27.58 2.43
CA VAL D 80 15.11 27.92 1.82
C VAL D 80 15.91 28.76 2.80
N ILE D 81 17.16 28.35 3.04
CA ILE D 81 18.12 29.14 3.82
C ILE D 81 19.31 29.46 2.93
N ASP D 82 19.69 30.73 2.88
CA ASP D 82 20.95 31.16 2.28
C ASP D 82 22.03 31.27 3.35
N TRP D 83 23.22 30.77 3.05
CA TRP D 83 24.29 30.60 4.03
C TRP D 83 25.52 31.39 3.65
N MET D 84 26.20 31.96 4.67
CA MET D 84 27.54 32.52 4.49
C MET D 84 28.51 31.87 5.46
N LEU D 85 29.72 31.61 4.95
CA LEU D 85 30.85 31.12 5.76
C LEU D 85 31.85 32.25 5.88
N ASP D 86 31.97 32.82 7.08
CA ASP D 86 32.78 34.01 7.22
C ASP D 86 34.27 33.65 7.19
N ALA D 87 35.11 34.70 7.17
CA ALA D 87 36.56 34.51 7.02
C ALA D 87 37.15 33.66 8.14
N ASN D 88 36.42 33.47 9.23
CA ASN D 88 36.87 32.66 10.36
C ASN D 88 36.38 31.22 10.29
N PHE D 89 35.64 30.83 9.25
CA PHE D 89 35.17 29.45 9.13
C PHE D 89 36.35 28.50 8.92
N PRO D 90 36.38 27.36 9.61
CA PRO D 90 35.32 26.81 10.47
C PRO D 90 35.42 27.10 11.96
N GLN D 91 36.29 28.03 12.37
CA GLN D 91 36.33 28.33 13.80
C GLN D 91 35.03 28.97 14.26
N THR D 92 34.37 29.77 13.41
CA THR D 92 33.07 30.40 13.62
C THR D 92 31.96 29.60 12.94
N PRO D 93 30.73 29.66 13.45
CA PRO D 93 29.62 28.89 12.83
C PRO D 93 29.24 29.44 11.46
N PRO D 94 28.56 28.65 10.64
CA PRO D 94 28.00 29.20 9.41
C PRO D 94 26.88 30.17 9.75
N ILE D 95 26.70 31.17 8.89
CA ILE D 95 25.66 32.18 9.08
C ILE D 95 24.46 31.80 8.22
N ALA D 96 23.29 31.73 8.84
CA ALA D 96 22.05 31.32 8.17
C ALA D 96 21.10 32.51 8.03
N HIS D 97 20.55 32.70 6.81
CA HIS D 97 19.48 33.66 6.58
C HIS D 97 18.27 32.92 5.99
N PHE D 98 17.26 32.70 6.83
CA PHE D 98 16.04 32.01 6.41
C PHE D 98 15.20 32.94 5.54
N LEU D 99 14.76 32.45 4.39
CA LEU D 99 13.89 33.25 3.52
C LEU D 99 12.45 33.00 3.96
N SER D 100 11.92 33.89 4.80
CA SER D 100 10.61 33.70 5.41
C SER D 100 9.58 34.29 4.45
N TRP D 101 8.96 33.42 3.65
CA TRP D 101 7.91 33.82 2.73
C TRP D 101 6.59 33.96 3.48
N THR D 102 6.62 34.74 4.56
CA THR D 102 5.49 34.99 5.44
C THR D 102 4.91 36.36 5.10
N ASN D 103 4.17 36.94 6.03
CA ASN D 103 3.41 38.14 5.71
C ASN D 103 3.54 39.25 6.74
N GLY D 104 4.36 39.08 7.78
CA GLY D 104 4.51 40.09 8.82
C GLY D 104 3.62 39.90 10.02
N ASN D 105 2.78 38.86 10.03
CA ASN D 105 1.80 38.67 11.11
C ASN D 105 2.06 37.41 11.91
N GLY D 106 3.32 37.02 12.04
CA GLY D 106 3.65 35.80 12.76
C GLY D 106 4.65 34.94 12.03
N ARG D 107 5.47 34.25 12.81
CA ARG D 107 6.47 33.36 12.23
C ARG D 107 5.80 32.07 11.78
N VAL D 108 6.48 31.33 10.90
CA VAL D 108 6.04 29.99 10.50
C VAL D 108 6.52 28.92 11.48
N ASN D 109 7.50 29.24 12.33
CA ASN D 109 8.08 28.47 13.43
C ASN D 109 8.62 29.43 14.46
N PRO D 110 8.51 29.12 15.76
CA PRO D 110 9.06 30.02 16.78
C PRO D 110 10.52 30.35 16.57
N ASN D 111 11.31 29.42 16.02
CA ASN D 111 12.74 29.61 15.87
C ASN D 111 13.19 29.98 14.45
N LEU D 112 12.24 30.27 13.56
CA LEU D 112 12.52 30.79 12.22
C LEU D 112 11.96 32.21 12.17
N TYR D 113 12.81 33.19 12.43
CA TYR D 113 12.33 34.57 12.54
C TYR D 113 11.89 35.09 11.17
N GLU D 114 10.86 35.95 11.14
CA GLU D 114 10.44 36.47 9.84
C GLU D 114 11.58 37.25 9.18
N GLU D 115 12.44 37.86 9.99
CA GLU D 115 13.53 38.67 9.46
C GLU D 115 14.74 37.84 9.04
N GLY D 116 14.76 36.54 9.37
CA GLY D 116 15.78 35.68 8.82
C GLY D 116 16.57 34.84 9.81
N LYS D 117 16.52 35.19 11.09
CA LYS D 117 17.34 34.50 12.09
C LYS D 117 16.85 33.07 12.29
N VAL D 118 17.77 32.11 12.31
CA VAL D 118 17.41 30.73 12.61
C VAL D 118 17.97 30.45 14.00
N CYS D 119 17.09 30.25 14.99
CA CYS D 119 17.54 29.97 16.34
C CYS D 119 17.76 28.47 16.52
N LEU D 120 19.03 28.09 16.61
CA LEU D 120 19.44 26.72 16.82
C LEU D 120 20.76 26.80 17.55
N SER D 121 20.89 26.05 18.65
CA SER D 121 22.12 26.13 19.45
C SER D 121 23.36 25.90 18.60
N ILE D 122 23.28 24.98 17.64
CA ILE D 122 24.42 24.63 16.79
C ILE D 122 24.92 25.84 16.01
N LEU D 123 24.05 26.80 15.70
CA LEU D 123 24.46 27.98 14.96
C LEU D 123 24.95 29.10 15.87
N GLY D 124 25.04 28.85 17.17
CA GLY D 124 25.50 29.89 18.08
C GLY D 124 24.54 31.05 18.17
N THR D 125 23.25 30.77 18.15
CA THR D 125 22.26 31.82 17.97
C THR D 125 21.04 31.63 18.84
N TRP D 126 20.97 30.57 19.65
CA TRP D 126 19.78 30.24 20.42
C TRP D 126 20.15 29.78 21.82
N ALA D 127 20.93 28.71 21.90
CA ALA D 127 21.21 28.03 23.16
C ALA D 127 19.92 27.62 23.87
N GLY D 128 18.95 27.13 23.09
CA GLY D 128 17.67 26.75 23.64
C GLY D 128 17.23 25.32 23.34
N ASP D 129 17.94 24.64 22.46
CA ASP D 129 17.52 23.30 22.03
C ASP D 129 18.58 22.23 22.28
N LYS D 130 18.37 21.07 21.65
CA LYS D 130 19.16 19.87 21.92
C LYS D 130 20.52 19.89 21.24
N SER D 131 20.65 20.59 20.10
CA SER D 131 21.86 20.50 19.31
C SER D 131 23.04 21.13 20.05
N GLU D 132 24.23 20.66 19.72
CA GLU D 132 25.43 21.18 20.39
C GLU D 132 25.99 22.35 19.61
N SER D 133 26.37 23.40 20.34
CA SER D 133 26.88 24.60 19.72
C SER D 133 28.09 24.29 18.84
N TRP D 134 28.27 25.12 17.83
CA TRP D 134 29.31 24.91 16.84
C TRP D 134 30.69 24.84 17.47
N SER D 135 31.47 23.85 17.04
CA SER D 135 32.89 23.68 17.34
C SER D 135 33.54 23.01 16.13
N ALA D 136 34.61 23.62 15.61
CA ALA D 136 35.17 23.20 14.32
C ALA D 136 35.43 21.70 14.27
N SER D 137 35.99 21.14 15.34
CA SER D 137 36.37 19.74 15.35
C SER D 137 35.19 18.80 15.56
N ARG D 138 34.00 19.36 15.83
CA ARG D 138 32.84 18.64 16.30
C ARG D 138 31.64 18.75 15.38
N SER D 139 31.59 19.76 14.51
CA SER D 139 30.37 20.21 13.89
C SER D 139 30.54 20.22 12.38
N SER D 140 29.41 20.24 11.66
CA SER D 140 29.48 20.28 10.21
C SER D 140 28.24 20.98 9.70
N LEU D 141 28.33 21.46 8.45
CA LEU D 141 27.15 21.97 7.77
C LEU D 141 26.07 20.89 7.68
N LEU D 142 26.49 19.64 7.42
CA LEU D 142 25.55 18.52 7.39
C LEU D 142 24.75 18.43 8.68
N GLN D 143 25.44 18.43 9.81
CA GLN D 143 24.76 18.31 11.10
C GLN D 143 23.81 19.49 11.35
N ALA D 144 24.16 20.69 10.89
CA ALA D 144 23.25 21.81 11.08
C ALA D 144 21.96 21.61 10.29
N LEU D 145 22.10 21.11 9.07
CA LEU D 145 20.94 20.99 8.20
C LEU D 145 19.98 19.90 8.69
N VAL D 146 20.50 18.73 9.05
CA VAL D 146 19.58 17.72 9.57
C VAL D 146 19.06 18.13 10.95
N SER D 147 19.78 19.00 11.68
CA SER D 147 19.22 19.51 12.91
C SER D 147 18.02 20.41 12.65
N ILE D 148 18.11 21.25 11.61
CA ILE D 148 16.97 22.11 11.28
C ILE D 148 15.76 21.24 10.95
N GLN D 149 15.97 20.23 10.10
CA GLN D 149 14.82 19.41 9.71
C GLN D 149 14.24 18.69 10.93
N GLY D 150 15.09 18.08 11.74
CA GLY D 150 14.59 17.24 12.81
C GLY D 150 14.11 17.99 14.03
N LEU D 151 14.67 19.15 14.30
CA LEU D 151 14.36 19.89 15.51
C LEU D 151 13.39 21.03 15.29
N VAL D 152 13.37 21.60 14.09
CA VAL D 152 12.52 22.76 13.80
C VAL D 152 11.25 22.34 13.07
N LEU D 153 11.36 21.58 11.99
CA LEU D 153 10.19 21.25 11.16
C LEU D 153 9.48 20.01 11.72
N VAL D 154 8.90 20.19 12.89
CA VAL D 154 8.33 19.09 13.68
C VAL D 154 6.80 19.07 13.60
N LYS D 155 6.19 18.10 14.28
CA LYS D 155 4.74 17.92 14.22
C LYS D 155 3.98 19.03 14.98
N GLU D 156 4.51 19.45 16.13
CA GLU D 156 3.84 20.41 17.01
C GLU D 156 4.82 21.53 17.32
N PRO D 157 5.09 22.40 16.34
CA PRO D 157 6.21 23.36 16.50
C PRO D 157 5.95 24.47 17.50
N TRP D 158 4.72 24.63 18.02
CA TRP D 158 4.52 25.62 19.08
C TRP D 158 5.39 25.30 20.30
N PHE D 159 5.62 24.01 20.57
CA PHE D 159 6.45 23.59 21.70
C PHE D 159 7.94 23.73 21.43
N CYS D 160 8.33 24.29 20.28
CA CYS D 160 9.74 24.49 20.00
C CYS D 160 10.34 25.55 20.91
N GLU D 161 9.49 26.41 21.45
CA GLU D 161 9.88 27.41 22.44
C GLU D 161 9.81 26.79 23.82
N PRO D 162 10.93 26.74 24.57
CA PRO D 162 10.93 26.01 25.86
C PRO D 162 9.85 26.44 26.84
N ALA D 163 9.55 27.74 26.93
CA ALA D 163 8.50 28.20 27.84
C ALA D 163 7.15 27.60 27.48
N TYR D 164 6.92 27.29 26.20
CA TYR D 164 5.66 26.68 25.81
C TYR D 164 5.67 25.16 25.95
N GLU D 165 6.85 24.55 25.81
CA GLU D 165 7.01 23.12 26.04
C GLU D 165 6.45 22.69 27.39
N LYS D 166 6.67 23.49 28.45
CA LYS D 166 6.23 23.05 29.76
C LYS D 166 4.71 23.11 29.94
N LEU D 167 3.96 23.55 28.91
CA LEU D 167 2.51 23.47 28.92
C LEU D 167 1.98 22.28 28.15
N ARG D 168 2.87 21.38 27.70
CA ARG D 168 2.45 20.25 26.88
C ARG D 168 1.54 19.33 27.69
N GLY D 169 0.41 18.97 27.10
CA GLY D 169 -0.55 18.14 27.77
C GLY D 169 -1.55 18.88 28.65
N THR D 170 -1.31 20.14 28.96
CA THR D 170 -2.29 20.92 29.68
C THR D 170 -3.36 21.41 28.71
N GLU D 171 -4.51 21.80 29.28
CA GLU D 171 -5.60 22.29 28.45
C GLU D 171 -5.15 23.44 27.56
N ASP D 172 -4.52 24.47 28.16
CA ASP D 172 -4.08 25.62 27.38
C ASP D 172 -3.04 25.21 26.32
N GLY D 173 -2.15 24.29 26.68
CA GLY D 173 -1.14 23.86 25.72
C GLY D 173 -1.73 23.14 24.53
N ILE D 174 -2.64 22.19 24.79
CA ILE D 174 -3.30 21.46 23.71
C ILE D 174 -4.00 22.43 22.76
N VAL D 175 -4.64 23.47 23.31
CA VAL D 175 -5.37 24.39 22.46
C VAL D 175 -4.42 25.27 21.67
N ASN D 176 -3.36 25.79 22.32
CA ASN D 176 -2.44 26.68 21.59
C ASN D 176 -1.64 25.94 20.53
N SER D 177 -1.33 24.67 20.74
CA SER D 177 -0.65 23.90 19.69
C SER D 177 -1.55 23.70 18.49
N ARG D 178 -2.82 23.39 18.73
CA ARG D 178 -3.77 23.17 17.63
C ARG D 178 -3.92 24.43 16.81
N LEU D 179 -4.09 25.57 17.49
CA LEU D 179 -4.21 26.84 16.79
C LEU D 179 -2.95 27.18 16.02
N TYR D 180 -1.77 26.97 16.63
CA TYR D 180 -0.53 27.33 15.93
C TYR D 180 -0.29 26.45 14.72
N ASN D 181 -0.65 25.18 14.81
CA ASN D 181 -0.47 24.27 13.68
C ASN D 181 -1.36 24.68 12.51
N GLU D 182 -2.59 25.13 12.79
CA GLU D 182 -3.43 25.65 11.73
C GLU D 182 -2.76 26.84 11.03
N LYS D 183 -2.24 27.79 11.82
CA LYS D 183 -1.62 28.97 11.22
C LYS D 183 -0.41 28.59 10.39
N ALA D 184 0.47 27.74 10.94
CA ALA D 184 1.69 27.37 10.24
C ALA D 184 1.38 26.55 8.99
N TYR D 185 0.35 25.71 9.04
CA TYR D 185 -0.05 24.98 7.84
C TYR D 185 -0.43 25.92 6.71
N VAL D 186 -1.28 26.90 7.01
CA VAL D 186 -1.72 27.80 5.95
C VAL D 186 -0.55 28.63 5.44
N LEU D 187 0.27 29.14 6.35
CA LEU D 187 1.45 29.90 5.93
C LEU D 187 2.38 29.05 5.08
N SER D 188 2.52 27.76 5.40
CA SER D 188 3.39 26.88 4.62
C SER D 188 2.93 26.72 3.18
N ARG D 189 1.62 26.71 2.93
CA ARG D 189 1.17 26.63 1.54
C ARG D 189 1.66 27.84 0.74
N GLY D 190 1.80 28.98 1.41
CA GLY D 190 2.29 30.15 0.72
C GLY D 190 3.77 30.11 0.43
N PHE D 191 4.52 29.27 1.15
CA PHE D 191 5.89 29.01 0.74
C PHE D 191 5.91 28.33 -0.63
N VAL D 192 4.99 27.38 -0.86
CA VAL D 192 4.90 26.75 -2.16
C VAL D 192 4.65 27.80 -3.24
N ARG D 193 3.68 28.69 -2.99
CA ARG D 193 3.38 29.76 -3.94
C ARG D 193 4.63 30.56 -4.28
N ARG D 194 5.32 31.08 -3.25
CA ARG D 194 6.41 32.00 -3.52
C ARG D 194 7.55 31.33 -4.25
N ALA D 195 7.85 30.07 -3.91
CA ALA D 195 8.91 29.35 -4.58
C ALA D 195 8.65 29.16 -6.06
N LEU D 196 7.38 29.09 -6.45
CA LEU D 196 7.04 28.85 -7.85
C LEU D 196 6.71 30.12 -8.63
N GLU D 197 6.21 31.17 -7.98
CA GLU D 197 5.89 32.42 -8.69
C GLU D 197 7.14 33.08 -9.24
N ILE D 198 8.24 33.03 -8.48
CA ILE D 198 9.49 33.70 -8.84
C ILE D 198 10.58 32.63 -8.81
N PRO D 199 11.33 32.41 -9.89
CA PRO D 199 12.27 31.28 -9.91
C PRO D 199 13.45 31.52 -8.99
N LEU D 200 13.77 30.52 -8.18
CA LEU D 200 14.82 30.60 -7.20
C LEU D 200 16.15 30.20 -7.83
N GLY D 201 17.14 31.08 -7.74
CA GLY D 201 18.43 30.84 -8.37
C GLY D 201 19.08 29.52 -8.00
N GLY D 202 19.49 28.75 -9.02
CA GLY D 202 20.13 27.47 -8.81
C GLY D 202 19.21 26.33 -8.46
N LEU D 203 17.91 26.58 -8.31
CA LEU D 203 16.97 25.54 -7.90
C LEU D 203 15.71 25.50 -8.77
N GLU D 204 15.69 26.21 -9.90
CA GLU D 204 14.46 26.33 -10.68
C GLU D 204 14.04 24.99 -11.28
N GLU D 205 14.99 24.28 -11.91
CA GLU D 205 14.66 22.99 -12.50
C GLU D 205 14.28 21.97 -11.43
N GLU D 206 14.91 22.04 -10.26
CA GLU D 206 14.57 21.10 -9.19
C GLU D 206 13.15 21.35 -8.71
N LEU D 207 12.81 22.61 -8.46
CA LEU D 207 11.46 22.95 -8.02
C LEU D 207 10.43 22.52 -9.06
N ARG D 208 10.76 22.70 -10.34
CA ARG D 208 9.80 22.36 -11.39
C ARG D 208 9.62 20.86 -11.49
N TRP D 209 10.70 20.09 -11.33
CA TRP D 209 10.57 18.64 -11.32
C TRP D 209 9.75 18.16 -10.13
N PHE D 210 9.96 18.77 -8.95
CA PHE D 210 9.28 18.31 -7.76
C PHE D 210 7.80 18.68 -7.80
N TYR D 211 7.48 19.94 -8.07
CA TYR D 211 6.09 20.37 -7.97
C TYR D 211 5.28 20.10 -9.23
N HIS D 212 5.90 20.13 -10.41
CA HIS D 212 5.14 19.89 -11.64
C HIS D 212 5.35 18.45 -12.13
N THR D 213 6.52 18.15 -12.67
CA THR D 213 6.76 16.82 -13.25
C THR D 213 6.38 15.70 -12.29
N SER D 214 6.80 15.77 -11.02
CA SER D 214 6.49 14.75 -10.03
C SER D 214 5.12 14.93 -9.38
N GLY D 215 4.37 15.97 -9.74
CA GLY D 215 3.01 16.09 -9.24
C GLY D 215 2.84 16.54 -7.81
N LYS D 216 3.85 17.15 -7.19
CA LYS D 216 3.67 17.52 -5.78
C LYS D 216 2.76 18.73 -5.61
N LEU D 217 2.70 19.64 -6.60
CA LEU D 217 1.72 20.71 -6.54
C LEU D 217 0.30 20.15 -6.55
N ARG D 218 0.02 19.17 -7.40
CA ARG D 218 -1.29 18.52 -7.37
C ARG D 218 -1.54 17.88 -6.01
N LYS D 219 -0.49 17.31 -5.39
CA LYS D 219 -0.67 16.76 -4.06
C LYS D 219 -0.99 17.84 -3.04
N VAL D 220 -0.27 18.96 -3.10
CA VAL D 220 -0.55 20.07 -2.18
C VAL D 220 -1.97 20.57 -2.37
N LEU D 221 -2.36 20.84 -3.61
CA LEU D 221 -3.72 21.28 -3.89
C LEU D 221 -4.73 20.27 -3.37
N GLY D 222 -4.49 18.98 -3.64
CA GLY D 222 -5.48 17.98 -3.29
C GLY D 222 -5.63 17.80 -1.80
N ASP D 223 -4.51 17.85 -1.06
CA ASP D 223 -4.56 17.69 0.39
C ASP D 223 -5.29 18.86 1.03
N ALA D 224 -5.04 20.06 0.51
CA ALA D 224 -5.71 21.25 1.03
C ALA D 224 -7.22 21.18 0.81
N ARG D 225 -7.62 20.82 -0.41
CA ARG D 225 -9.04 20.72 -0.71
C ARG D 225 -9.70 19.61 0.10
N ALA D 226 -8.99 18.50 0.31
CA ALA D 226 -9.52 17.45 1.19
C ALA D 226 -9.72 17.98 2.61
N LEU D 227 -8.75 18.76 3.11
CA LEU D 227 -8.84 19.32 4.46
C LEU D 227 -10.04 20.25 4.60
N ILE D 228 -10.36 21.00 3.54
CA ILE D 228 -11.53 21.89 3.58
C ILE D 228 -12.82 21.08 3.72
N VAL D 229 -12.95 19.98 2.97
CA VAL D 229 -14.15 19.14 3.11
C VAL D 229 -14.27 18.63 4.54
N LYS D 230 -13.16 18.07 5.07
CA LYS D 230 -13.13 17.57 6.44
C LYS D 230 -13.51 18.65 7.44
N SER D 231 -12.99 19.86 7.27
CA SER D 231 -13.27 20.94 8.22
C SER D 231 -14.73 21.38 8.18
N THR D 232 -15.42 21.09 7.09
CA THR D 232 -16.83 21.44 7.04
C THR D 232 -17.66 20.39 7.77
N ALA D 233 -17.14 19.17 7.85
CA ALA D 233 -17.83 18.06 8.51
C ALA D 233 -17.61 18.07 10.02
N THR D 234 -16.40 18.39 10.46
CA THR D 234 -16.07 18.38 11.89
C THR D 234 -15.72 19.82 12.28
N GLN D 235 -16.62 20.47 13.00
CA GLN D 235 -16.53 21.89 13.28
C GLN D 235 -15.96 22.20 14.66
N GLY D 236 -15.67 21.17 15.47
CA GLY D 236 -15.03 21.38 16.76
C GLY D 236 -14.06 20.26 17.06
N ASP D 237 -13.17 20.51 18.02
CA ASP D 237 -12.12 19.53 18.34
C ASP D 237 -12.71 18.21 18.81
N ALA D 238 -13.83 18.28 19.54
CA ALA D 238 -14.43 17.06 20.09
C ALA D 238 -14.90 16.10 19.00
N GLU D 239 -15.28 16.62 17.83
CA GLU D 239 -15.85 15.80 16.77
C GLU D 239 -14.79 15.22 15.83
N VAL D 240 -13.51 15.29 16.17
CA VAL D 240 -12.43 14.83 15.29
C VAL D 240 -12.33 13.31 15.42
N PRO D 241 -12.48 12.57 14.34
CA PRO D 241 -12.51 11.10 14.44
C PRO D 241 -11.15 10.52 14.78
N GLU D 242 -11.16 9.23 15.14
CA GLU D 242 -9.92 8.55 15.55
C GLU D 242 -8.91 8.50 14.40
N ALA D 243 -9.39 8.30 13.17
CA ALA D 243 -8.53 8.19 12.01
C ALA D 243 -7.84 9.50 11.64
N ASP D 244 -8.18 10.60 12.30
CA ASP D 244 -7.48 11.87 12.11
C ASP D 244 -6.82 12.38 13.39
N ARG D 245 -6.84 11.59 14.46
CA ARG D 245 -6.37 12.08 15.75
C ARG D 245 -4.86 12.23 15.81
N GLU D 246 -4.11 11.50 14.99
CA GLU D 246 -2.65 11.61 14.97
C GLU D 246 -2.16 12.65 13.96
N ARG D 247 -3.05 13.29 13.22
CA ARG D 247 -2.65 14.22 12.18
C ARG D 247 -2.21 15.53 12.83
N ALA D 248 -1.14 16.10 12.27
CA ALA D 248 -0.67 17.40 12.73
C ALA D 248 -1.76 18.45 12.57
N VAL D 249 -2.51 18.39 11.47
CA VAL D 249 -3.56 19.37 11.19
C VAL D 249 -4.84 18.60 10.83
N PRO D 250 -5.70 18.30 11.81
CA PRO D 250 -6.89 17.47 11.51
C PRO D 250 -7.99 18.23 10.78
N ARG D 251 -8.11 19.52 11.03
CA ARG D 251 -9.19 20.34 10.51
C ARG D 251 -8.75 21.79 10.64
N LEU D 252 -9.46 22.68 9.95
CA LEU D 252 -9.19 24.11 9.99
C LEU D 252 -10.42 24.84 10.49
N SER D 253 -10.18 25.98 11.14
CA SER D 253 -11.27 26.87 11.50
C SER D 253 -11.78 27.58 10.26
N SER D 254 -12.95 28.23 10.39
CA SER D 254 -13.48 28.98 9.26
C SER D 254 -12.49 30.03 8.78
N GLY D 255 -11.83 30.72 9.72
CA GLY D 255 -10.84 31.70 9.33
C GLY D 255 -9.68 31.09 8.58
N GLY D 256 -9.18 29.94 9.05
CA GLY D 256 -8.12 29.26 8.32
C GLY D 256 -8.55 28.81 6.94
N ILE D 257 -9.81 28.36 6.81
CA ILE D 257 -10.32 27.95 5.49
C ILE D 257 -10.27 29.11 4.51
N ILE D 258 -10.74 30.29 4.94
CA ILE D 258 -10.70 31.46 4.06
C ILE D 258 -9.26 31.79 3.65
N ALA D 259 -8.35 31.80 4.62
CA ALA D 259 -6.96 32.09 4.29
C ALA D 259 -6.37 31.04 3.36
N LEU D 260 -6.67 29.77 3.61
CA LEU D 260 -6.17 28.71 2.73
C LEU D 260 -6.71 28.89 1.32
N GLU D 261 -8.01 29.27 1.22
CA GLU D 261 -8.65 29.41 -0.09
C GLU D 261 -8.00 30.53 -0.93
N ARG D 262 -7.59 31.63 -0.30
CA ARG D 262 -6.89 32.67 -1.05
C ARG D 262 -5.56 32.14 -1.61
N THR D 263 -4.82 31.37 -0.82
CA THR D 263 -3.57 30.82 -1.33
C THR D 263 -3.82 29.77 -2.41
N LEU D 264 -4.90 29.00 -2.28
CA LEU D 264 -5.22 28.02 -3.31
C LEU D 264 -5.46 28.67 -4.67
N GLY D 265 -6.07 29.87 -4.66
CA GLY D 265 -6.26 30.59 -5.90
C GLY D 265 -4.96 30.86 -6.64
N LYS D 266 -3.92 31.23 -5.89
CA LYS D 266 -2.62 31.48 -6.51
C LYS D 266 -1.93 30.18 -6.92
N LEU D 267 -2.04 29.15 -6.09
CA LEU D 267 -1.47 27.85 -6.44
C LEU D 267 -2.14 27.25 -7.66
N GLN D 268 -3.46 27.45 -7.80
CA GLN D 268 -4.11 26.89 -8.98
C GLN D 268 -3.77 27.68 -10.23
N ALA D 269 -3.60 29.00 -10.10
CA ALA D 269 -3.15 29.78 -11.25
C ALA D 269 -1.79 29.31 -11.73
N LEU D 270 -0.90 28.94 -10.81
CA LEU D 270 0.40 28.41 -11.21
C LEU D 270 0.25 27.12 -12.00
N GLN D 271 -0.61 26.22 -11.54
CA GLN D 271 -0.84 25.00 -12.30
C GLN D 271 -1.46 25.31 -13.66
N ASP D 272 -2.45 26.21 -13.66
CA ASP D 272 -3.08 26.64 -14.90
C ASP D 272 -2.03 27.16 -15.86
N ALA D 273 -1.11 28.00 -15.37
CA ALA D 273 -0.05 28.54 -16.22
C ALA D 273 0.84 27.42 -16.76
N GLN D 274 1.12 26.41 -15.94
CA GLN D 274 1.95 25.30 -16.38
C GLN D 274 1.21 24.41 -17.38
N THR D 275 -0.10 24.28 -17.24
CA THR D 275 -0.88 23.54 -18.23
C THR D 275 -0.80 24.22 -19.59
N ALA D 276 -0.85 25.55 -19.61
CA ALA D 276 -0.81 26.28 -20.88
C ALA D 276 0.51 26.04 -21.63
N THR D 277 1.64 26.08 -20.91
CA THR D 277 2.93 25.90 -21.58
C THR D 277 3.08 24.51 -22.17
N GLU D 278 2.53 23.50 -21.49
CA GLU D 278 2.54 22.15 -22.04
C GLU D 278 1.76 22.08 -23.34
N ALA D 279 0.74 22.94 -23.48
CA ALA D 279 -0.13 22.99 -24.66
C ALA D 279 0.42 23.89 -25.75
N ASN D 280 0.75 25.14 -25.40
CA ASN D 280 1.31 26.08 -26.38
C ASN D 280 2.57 25.55 -27.04
N ALA D 281 3.10 24.42 -26.58
CA ALA D 281 4.19 23.73 -27.27
C ALA D 281 3.64 22.50 -27.98
C1 CIT E . 13.71 -16.49 -8.28
O1 CIT E . 13.59 -15.44 -7.61
O2 CIT E . 13.16 -17.53 -7.86
C2 CIT E . 14.46 -16.46 -9.58
C3 CIT E . 14.32 -17.75 -10.41
O7 CIT E . 12.92 -17.95 -10.79
C4 CIT E . 15.21 -17.63 -11.67
C5 CIT E . 14.57 -16.66 -12.65
O3 CIT E . 14.63 -15.43 -12.45
O4 CIT E . 13.96 -17.09 -13.65
C6 CIT E . 14.80 -18.98 -9.65
O5 CIT E . 15.88 -18.95 -9.03
O6 CIT E . 14.11 -20.03 -9.61
C1 CIT F . -13.59 -9.51 -15.98
O1 CIT F . -12.71 -9.68 -15.12
O2 CIT F . -14.71 -9.07 -15.61
C2 CIT F . -13.29 -9.80 -17.45
C3 CIT F . -14.37 -9.27 -18.39
O7 CIT F . -14.66 -7.87 -18.10
C4 CIT F . -13.92 -9.40 -19.84
C5 CIT F . -12.89 -8.33 -20.15
O3 CIT F . -11.69 -8.48 -19.79
O4 CIT F . -13.22 -7.27 -20.74
C6 CIT F . -15.66 -10.05 -18.16
O5 CIT F . -16.75 -9.45 -17.98
O6 CIT F . -15.60 -11.30 -18.09
C1 CIT G . -8.27 18.40 -11.52
O1 CIT G . -8.02 19.29 -10.66
O2 CIT G . -8.66 17.28 -11.11
C2 CIT G . -8.12 18.62 -13.01
C3 CIT G . -7.58 19.99 -13.39
O7 CIT G . -6.24 20.14 -12.81
C4 CIT G . -7.53 20.15 -14.91
C5 CIT G . -6.34 19.35 -15.45
O3 CIT G . -5.27 19.93 -15.71
O4 CIT G . -6.43 18.12 -15.64
C6 CIT G . -8.45 21.10 -12.83
O5 CIT G . -7.91 22.00 -12.15
O6 CIT G . -9.70 21.12 -13.06
C1 CIT H . 19.19 11.12 -4.63
O1 CIT H . 19.94 10.51 -3.83
O2 CIT H . 18.06 11.44 -4.23
C2 CIT H . 19.63 11.41 -6.05
C3 CIT H . 21.11 11.11 -6.33
O7 CIT H . 21.38 9.68 -6.18
C4 CIT H . 21.49 11.53 -7.75
C5 CIT H . 20.95 10.54 -8.77
O3 CIT H . 21.70 9.70 -9.29
O4 CIT H . 19.74 10.55 -9.09
C6 CIT H . 22.03 11.83 -5.35
O5 CIT H . 21.89 13.06 -5.12
O6 CIT H . 22.93 11.19 -4.75
#